data_2EFD
#
_entry.id   2EFD
#
_cell.length_a   189.544
_cell.length_b   189.544
_cell.length_c   75.170
_cell.angle_alpha   90.00
_cell.angle_beta   90.00
_cell.angle_gamma   120.00
#
_symmetry.space_group_name_H-M   'P 61'
#
loop_
_entity.id
_entity.type
_entity.pdbx_description
1 polymer 'Similarity to vacuolar protein sorting-associated protein VPS9'
2 polymer 'Small GTP-binding protein-like'
#
loop_
_entity_poly.entity_id
_entity_poly.type
_entity_poly.pdbx_seq_one_letter_code
_entity_poly.pdbx_strand_id
1 'polypeptide(L)'
;GSMENTDVFLGLHDFLERMRKPSAGDFVKSIKSFIVSFSNNAPDPEKDCAMVQEFFSKMEAAFRAHPLWSGCSEEELDSA
GDGLEKYVMTKLFTRVFASNTEEVIADEKLFQKMSLVQQFISPENLDIQPTFQNESSWLLAQKELQKINMYKAPRDKLVC
ILNCCKVINNLLLNASIASNENAPGADEFLPVLIYVTIKANPPQLHSNLLYIQRYRRESKLVGEAAYFFTNILSAESFIS
NIDAKSISLDEAEFEKNMESARARISG
;
A,C
2 'polypeptide(L)'
;GSMAAAGNKSINAKLVLLGDVGAGKSSLVLRFVKDQFVEFQESTIGAAFFSQTLAVNDATVKFEIWDTAGQERYHSLAPM
YYRGAAAAIIVFDVTNQASFERAKKWVQELQAQGNPNMVMALAGNKSDLLDARKVTAEDAQTYAQENGLFFMETSAKTAT
NVKEIFYEIARRLPRVQPTEN
;
B,D
#
# COMPACT_ATOMS: atom_id res chain seq x y z
N MET A 19 14.26 6.11 -31.56
CA MET A 19 14.71 4.72 -31.90
C MET A 19 15.38 4.61 -33.29
N ARG A 20 15.01 5.50 -34.22
CA ARG A 20 15.49 5.43 -35.61
C ARG A 20 16.77 6.22 -35.92
N LYS A 21 17.79 5.99 -35.09
CA LYS A 21 19.12 6.59 -35.22
C LYS A 21 19.90 5.99 -36.41
N PRO A 22 20.55 6.85 -37.24
CA PRO A 22 21.38 6.44 -38.39
C PRO A 22 22.57 5.52 -38.07
N SER A 23 22.39 4.60 -37.11
CA SER A 23 23.33 3.52 -36.85
C SER A 23 22.60 2.31 -36.25
N ALA A 24 21.28 2.41 -36.18
CA ALA A 24 20.41 1.34 -35.65
C ALA A 24 20.04 0.26 -36.68
N GLY A 25 20.17 0.60 -37.97
CA GLY A 25 19.79 -0.26 -39.10
C GLY A 25 20.06 -1.74 -38.97
N ASP A 26 21.19 -2.10 -38.35
CA ASP A 26 21.50 -3.49 -38.01
C ASP A 26 20.33 -4.16 -37.31
N PHE A 27 19.92 -3.60 -36.17
CA PHE A 27 18.82 -4.12 -35.35
C PHE A 27 17.49 -4.18 -36.10
N VAL A 28 17.20 -3.14 -36.88
CA VAL A 28 15.97 -3.09 -37.64
C VAL A 28 15.94 -4.26 -38.63
N LYS A 29 16.96 -4.36 -39.47
CA LYS A 29 17.06 -5.44 -40.47
C LYS A 29 16.94 -6.83 -39.84
N SER A 30 17.12 -6.87 -38.52
CA SER A 30 17.07 -8.13 -37.77
C SER A 30 15.67 -8.35 -37.19
N ILE A 31 15.17 -7.34 -36.49
CA ILE A 31 13.83 -7.31 -35.91
C ILE A 31 12.75 -7.36 -36.99
N LYS A 32 13.02 -6.77 -38.15
CA LYS A 32 12.14 -6.94 -39.30
C LYS A 32 12.26 -8.34 -39.88
N SER A 33 13.48 -8.81 -40.11
CA SER A 33 13.71 -10.13 -40.69
C SER A 33 13.23 -11.30 -39.83
N PHE A 34 13.21 -11.12 -38.51
CA PHE A 34 12.65 -12.16 -37.64
C PHE A 34 11.13 -12.24 -37.78
N ILE A 35 10.48 -11.08 -37.91
CA ILE A 35 9.03 -11.02 -38.07
C ILE A 35 8.59 -11.87 -39.26
N VAL A 36 9.24 -11.65 -40.40
CA VAL A 36 8.94 -12.40 -41.61
C VAL A 36 9.27 -13.89 -41.43
N SER A 37 10.50 -14.20 -41.04
CA SER A 37 10.89 -15.60 -40.81
C SER A 37 9.86 -16.29 -39.92
N PHE A 38 9.61 -15.68 -38.76
CA PHE A 38 8.70 -16.22 -37.77
C PHE A 38 7.26 -16.34 -38.28
N SER A 39 6.70 -15.23 -38.76
CA SER A 39 5.28 -15.21 -39.13
C SER A 39 4.95 -16.22 -40.22
N ASN A 40 5.89 -16.39 -41.14
CA ASN A 40 5.75 -17.37 -42.21
C ASN A 40 5.89 -18.82 -41.72
N ASN A 41 5.75 -19.03 -40.42
CA ASN A 41 5.67 -20.40 -39.89
C ASN A 41 4.23 -20.77 -39.58
N ALA A 42 3.79 -21.96 -39.96
CA ALA A 42 2.47 -22.38 -39.55
C ALA A 42 2.38 -22.34 -38.01
N PRO A 43 1.24 -21.86 -37.45
CA PRO A 43 1.07 -21.75 -36.00
C PRO A 43 1.38 -23.01 -35.17
N ASP A 44 2.24 -22.85 -34.16
CA ASP A 44 2.42 -23.83 -33.08
C ASP A 44 2.72 -23.12 -31.75
N PRO A 45 1.77 -23.18 -30.81
CA PRO A 45 1.93 -22.44 -29.55
C PRO A 45 3.25 -22.70 -28.81
N GLU A 46 3.67 -23.95 -28.72
CA GLU A 46 4.93 -24.30 -28.08
C GLU A 46 6.11 -23.79 -28.90
N LYS A 47 6.20 -24.23 -30.15
CA LYS A 47 7.29 -23.82 -31.03
C LYS A 47 7.39 -22.30 -31.25
N ASP A 48 6.26 -21.62 -31.41
CA ASP A 48 6.26 -20.18 -31.68
C ASP A 48 6.86 -19.36 -30.53
N CYS A 49 6.39 -19.60 -29.31
CA CYS A 49 6.76 -18.76 -28.18
C CYS A 49 8.17 -19.05 -27.68
N ALA A 50 8.61 -20.29 -27.86
CA ALA A 50 9.99 -20.67 -27.64
C ALA A 50 10.90 -19.98 -28.63
N MET A 51 10.37 -19.63 -29.81
CA MET A 51 11.14 -18.83 -30.75
C MET A 51 11.21 -17.40 -30.27
N VAL A 52 10.10 -16.89 -29.75
CA VAL A 52 10.02 -15.48 -29.37
C VAL A 52 10.82 -15.20 -28.09
N GLN A 53 10.65 -16.05 -27.08
CA GLN A 53 11.44 -15.96 -25.85
C GLN A 53 12.89 -16.26 -26.15
N GLU A 54 13.10 -17.02 -27.21
CA GLU A 54 14.41 -17.31 -27.74
C GLU A 54 14.98 -16.08 -28.41
N PHE A 55 14.16 -15.41 -29.21
CA PHE A 55 14.57 -14.21 -29.95
C PHE A 55 14.88 -13.02 -29.02
N PHE A 56 14.18 -12.97 -27.88
CA PHE A 56 14.31 -11.83 -26.97
C PHE A 56 15.69 -11.79 -26.33
N SER A 57 16.21 -12.95 -25.94
CA SER A 57 17.57 -13.08 -25.42
C SER A 57 18.60 -12.61 -26.44
N LYS A 58 18.60 -13.22 -27.63
CA LYS A 58 19.49 -12.81 -28.72
C LYS A 58 19.60 -11.27 -28.72
N MET A 59 18.45 -10.61 -28.71
CA MET A 59 18.38 -9.15 -28.75
C MET A 59 18.75 -8.49 -27.42
N GLU A 60 18.48 -9.19 -26.31
CA GLU A 60 18.72 -8.67 -24.96
C GLU A 60 20.19 -8.31 -24.82
N ALA A 61 21.03 -9.34 -24.87
CA ALA A 61 22.47 -9.20 -24.95
C ALA A 61 22.85 -8.12 -25.96
N ALA A 62 22.24 -8.18 -27.14
CA ALA A 62 22.55 -7.27 -28.23
C ALA A 62 22.43 -5.79 -27.87
N PHE A 63 21.30 -5.41 -27.28
CA PHE A 63 21.05 -4.01 -26.90
C PHE A 63 22.10 -3.52 -25.91
N ARG A 64 22.44 -4.41 -24.99
CA ARG A 64 23.38 -4.13 -23.91
C ARG A 64 24.84 -4.17 -24.38
N ALA A 65 25.14 -5.06 -25.32
CA ALA A 65 26.49 -5.18 -25.89
C ALA A 65 26.81 -3.98 -26.77
N HIS A 66 25.95 -3.72 -27.75
CA HIS A 66 26.08 -2.60 -28.68
C HIS A 66 26.78 -1.39 -28.04
N PRO A 67 28.04 -1.12 -28.47
CA PRO A 67 28.85 -0.07 -27.85
C PRO A 67 28.09 1.25 -27.76
N LEU A 68 27.47 1.65 -28.87
CA LEU A 68 26.64 2.87 -28.91
C LEU A 68 25.39 2.69 -28.04
N TRP A 69 25.61 2.78 -26.72
CA TRP A 69 24.66 2.59 -25.62
C TRP A 69 25.49 2.20 -24.40
N SER A 70 26.14 3.20 -23.79
CA SER A 70 27.30 2.99 -22.90
C SER A 70 27.04 2.38 -21.49
N GLY A 71 26.31 3.05 -20.59
CA GLY A 71 25.67 4.34 -20.82
C GLY A 71 24.23 4.32 -20.36
N CYS A 72 23.85 3.20 -19.73
CA CYS A 72 22.48 2.98 -19.28
C CYS A 72 22.38 2.38 -17.87
N SER A 73 21.24 2.60 -17.23
CA SER A 73 20.97 2.05 -15.91
C SER A 73 20.42 0.63 -16.03
N GLU A 74 19.34 0.35 -15.32
CA GLU A 74 18.65 -0.95 -15.43
C GLU A 74 17.21 -0.80 -15.87
N GLU A 75 16.57 0.30 -15.49
CA GLU A 75 15.24 0.65 -16.03
C GLU A 75 15.41 0.82 -17.53
N GLU A 76 16.46 1.56 -17.90
CA GLU A 76 16.76 1.84 -19.30
C GLU A 76 17.00 0.58 -20.15
N LEU A 77 17.54 -0.48 -19.52
CA LEU A 77 17.70 -1.77 -20.19
C LEU A 77 16.35 -2.45 -20.44
N ASP A 78 15.44 -2.30 -19.48
CA ASP A 78 14.06 -2.81 -19.57
C ASP A 78 13.18 -1.96 -20.50
N SER A 79 13.23 -0.64 -20.33
CA SER A 79 12.52 0.30 -21.20
C SER A 79 12.76 -0.02 -22.68
N ALA A 80 13.92 -0.62 -22.93
CA ALA A 80 14.28 -1.12 -24.24
C ALA A 80 13.57 -2.44 -24.51
N GLY A 81 13.73 -3.40 -23.59
CA GLY A 81 13.07 -4.71 -23.70
C GLY A 81 11.55 -4.66 -23.81
N ASP A 82 10.92 -3.77 -23.04
CA ASP A 82 9.51 -3.54 -23.15
C ASP A 82 9.18 -3.08 -24.55
N GLY A 83 9.94 -2.08 -25.01
CA GLY A 83 9.83 -1.55 -26.37
C GLY A 83 9.96 -2.61 -27.46
N LEU A 84 10.83 -3.58 -27.23
CA LEU A 84 10.97 -4.68 -28.17
C LEU A 84 9.81 -5.66 -28.02
N GLU A 85 9.43 -5.97 -26.79
CA GLU A 85 8.30 -6.87 -26.53
C GLU A 85 7.06 -6.33 -27.26
N LYS A 86 6.87 -5.02 -27.15
CA LYS A 86 5.71 -4.32 -27.68
C LYS A 86 5.71 -4.31 -29.22
N TYR A 87 6.57 -3.49 -29.83
CA TYR A 87 6.61 -3.34 -31.30
C TYR A 87 6.49 -4.67 -32.00
N VAL A 88 7.34 -5.60 -31.60
CA VAL A 88 7.40 -6.94 -32.19
C VAL A 88 6.06 -7.70 -32.03
N MET A 89 5.52 -7.74 -30.82
CA MET A 89 4.23 -8.44 -30.60
C MET A 89 3.05 -7.77 -31.31
N THR A 90 3.10 -6.45 -31.46
CA THR A 90 2.09 -5.70 -32.21
C THR A 90 1.96 -6.25 -33.63
N LYS A 91 3.07 -6.19 -34.36
CA LYS A 91 3.16 -6.65 -35.73
C LYS A 91 2.81 -8.13 -35.86
N LEU A 92 3.16 -8.91 -34.84
CA LEU A 92 2.88 -10.36 -34.84
C LEU A 92 1.59 -10.78 -34.11
N PHE A 93 0.77 -9.81 -33.72
CA PHE A 93 -0.42 -10.07 -32.90
C PHE A 93 -1.40 -11.09 -33.50
N THR A 94 -1.92 -10.75 -34.67
CA THR A 94 -2.93 -11.58 -35.34
C THR A 94 -2.40 -12.98 -35.71
N ARG A 95 -1.11 -13.22 -35.45
CA ARG A 95 -0.49 -14.51 -35.73
C ARG A 95 -0.35 -15.37 -34.50
N VAL A 96 -0.26 -14.73 -33.34
CA VAL A 96 -0.06 -15.43 -32.07
C VAL A 96 -1.35 -15.49 -31.23
N PHE A 97 -2.12 -14.40 -31.24
CA PHE A 97 -3.37 -14.29 -30.46
C PHE A 97 -4.57 -15.05 -31.02
N ALA A 98 -5.02 -16.08 -30.33
CA ALA A 98 -6.16 -16.89 -30.77
C ALA A 98 -5.99 -17.30 -32.24
N SER A 99 -4.87 -17.97 -32.52
CA SER A 99 -4.50 -18.40 -33.85
C SER A 99 -4.85 -19.87 -34.10
N ASN A 100 -5.52 -20.50 -33.14
CA ASN A 100 -6.04 -21.86 -33.32
C ASN A 100 -7.52 -21.98 -32.89
N THR A 101 -8.21 -23.02 -33.35
CA THR A 101 -9.65 -23.06 -33.16
C THR A 101 -10.07 -23.47 -31.77
N GLU A 102 -9.29 -24.34 -31.13
CA GLU A 102 -9.66 -24.90 -29.82
C GLU A 102 -9.65 -23.80 -28.75
N GLU A 103 -8.82 -22.79 -29.00
CA GLU A 103 -8.72 -21.65 -28.13
C GLU A 103 -9.91 -20.73 -28.30
N VAL A 104 -10.22 -20.33 -29.52
CA VAL A 104 -11.39 -19.47 -29.78
C VAL A 104 -12.65 -20.05 -29.10
N ILE A 105 -12.82 -21.37 -29.16
CA ILE A 105 -13.96 -22.06 -28.53
C ILE A 105 -14.00 -21.86 -27.02
N ALA A 106 -12.82 -21.95 -26.39
CA ALA A 106 -12.65 -21.75 -24.94
C ALA A 106 -12.99 -20.33 -24.51
N ASP A 107 -12.73 -19.36 -25.39
CA ASP A 107 -13.17 -17.97 -25.21
C ASP A 107 -14.69 -17.85 -25.26
N GLU A 108 -15.27 -18.44 -26.30
CA GLU A 108 -16.72 -18.55 -26.43
C GLU A 108 -17.37 -19.24 -25.22
N LYS A 109 -16.84 -20.41 -24.86
CA LYS A 109 -17.41 -21.21 -23.78
C LYS A 109 -17.47 -20.43 -22.47
N LEU A 110 -16.37 -19.76 -22.16
CA LEU A 110 -16.20 -18.97 -20.95
C LEU A 110 -17.17 -17.82 -20.94
N PHE A 111 -17.17 -17.02 -22.01
CA PHE A 111 -18.04 -15.84 -22.13
C PHE A 111 -19.51 -16.19 -21.87
N GLN A 112 -19.95 -17.28 -22.48
CA GLN A 112 -21.30 -17.76 -22.29
C GLN A 112 -21.57 -18.02 -20.80
N LYS A 113 -20.68 -18.79 -20.19
CA LYS A 113 -20.72 -19.08 -18.77
C LYS A 113 -20.75 -17.80 -17.93
N MET A 114 -19.84 -16.88 -18.19
CA MET A 114 -19.77 -15.62 -17.44
C MET A 114 -20.92 -14.65 -17.74
N SER A 115 -21.43 -14.69 -18.97
CA SER A 115 -22.56 -13.85 -19.30
C SER A 115 -23.73 -14.25 -18.42
N LEU A 116 -23.94 -15.56 -18.27
CA LEU A 116 -25.08 -16.07 -17.52
C LEU A 116 -24.94 -15.93 -16.01
N VAL A 117 -23.81 -16.39 -15.46
CA VAL A 117 -23.62 -16.45 -14.01
C VAL A 117 -23.55 -15.07 -13.35
N GLN A 118 -23.04 -14.08 -14.08
CA GLN A 118 -22.95 -12.72 -13.52
C GLN A 118 -24.31 -12.19 -13.05
N GLN A 119 -25.37 -12.65 -13.71
CA GLN A 119 -26.72 -12.17 -13.42
C GLN A 119 -27.25 -12.63 -12.05
N PHE A 120 -26.61 -13.63 -11.46
CA PHE A 120 -27.14 -14.20 -10.21
C PHE A 120 -26.13 -14.68 -9.18
N ILE A 121 -24.85 -14.44 -9.36
CA ILE A 121 -23.89 -14.90 -8.37
C ILE A 121 -23.83 -13.89 -7.26
N SER A 122 -23.59 -14.36 -6.03
CA SER A 122 -23.41 -13.48 -4.88
C SER A 122 -22.15 -13.85 -4.09
N PRO A 123 -21.61 -12.91 -3.30
CA PRO A 123 -20.42 -13.11 -2.47
C PRO A 123 -20.38 -14.45 -1.75
N GLU A 124 -21.46 -14.80 -1.05
CA GLU A 124 -21.52 -16.09 -0.33
C GLU A 124 -21.13 -17.26 -1.22
N ASN A 125 -21.77 -17.39 -2.40
CA ASN A 125 -21.42 -18.50 -3.31
C ASN A 125 -19.93 -18.82 -3.28
N LEU A 126 -19.10 -17.79 -3.28
CA LEU A 126 -17.66 -17.96 -3.37
C LEU A 126 -16.96 -17.84 -2.02
N ASP A 127 -17.75 -17.67 -0.96
CA ASP A 127 -17.28 -17.60 0.45
C ASP A 127 -16.81 -16.23 0.94
N ILE A 128 -17.14 -15.17 0.21
CA ILE A 128 -16.78 -13.82 0.63
C ILE A 128 -17.65 -13.37 1.80
N GLN A 129 -17.04 -13.18 2.96
CA GLN A 129 -17.78 -12.81 4.18
C GLN A 129 -18.33 -11.37 4.09
N PRO A 130 -19.35 -11.02 4.92
CA PRO A 130 -19.92 -9.66 4.82
C PRO A 130 -18.90 -8.62 5.23
N THR A 131 -18.02 -9.00 6.15
CA THR A 131 -16.96 -8.13 6.65
C THR A 131 -15.99 -7.69 5.56
N PHE A 132 -16.05 -8.36 4.40
CA PHE A 132 -15.24 -8.03 3.22
C PHE A 132 -16.04 -7.68 1.97
N GLN A 133 -17.37 -7.64 2.09
CA GLN A 133 -18.22 -7.23 0.98
C GLN A 133 -18.09 -5.74 0.66
N ASN A 134 -18.04 -5.42 -0.62
CA ASN A 134 -17.92 -4.04 -1.07
C ASN A 134 -19.22 -3.48 -1.68
N GLU A 135 -19.44 -2.17 -1.48
CA GLU A 135 -20.60 -1.47 -2.05
C GLU A 135 -20.68 -1.64 -3.56
N SER A 136 -19.75 -0.99 -4.27
CA SER A 136 -19.69 -0.95 -5.73
C SER A 136 -19.62 -2.33 -6.42
N SER A 137 -19.49 -3.39 -5.63
CA SER A 137 -19.15 -4.73 -6.15
C SER A 137 -17.74 -4.69 -6.76
N TRP A 138 -16.93 -3.75 -6.27
CA TRP A 138 -15.57 -3.52 -6.77
C TRP A 138 -15.61 -3.19 -8.25
N LEU A 139 -16.49 -2.26 -8.61
CA LEU A 139 -16.68 -1.86 -9.98
C LEU A 139 -15.35 -1.43 -10.60
N LEU A 140 -14.54 -0.73 -9.81
CA LEU A 140 -13.24 -0.23 -10.29
C LEU A 140 -12.28 -1.32 -10.72
N ALA A 141 -12.32 -2.45 -10.04
CA ALA A 141 -11.52 -3.59 -10.42
C ALA A 141 -11.99 -4.13 -11.78
N GLN A 142 -13.31 -4.28 -11.92
CA GLN A 142 -13.93 -4.87 -13.12
C GLN A 142 -13.52 -4.13 -14.41
N LYS A 143 -13.58 -2.79 -14.34
CA LYS A 143 -13.22 -1.94 -15.45
C LYS A 143 -11.74 -1.96 -15.83
N GLU A 144 -10.87 -2.39 -14.92
CA GLU A 144 -9.47 -2.54 -15.27
C GLU A 144 -9.24 -3.76 -16.15
N LEU A 145 -9.88 -4.88 -15.81
CA LEU A 145 -9.84 -6.10 -16.63
C LEU A 145 -10.46 -5.85 -17.99
N GLN A 146 -11.51 -5.06 -18.01
CA GLN A 146 -12.27 -4.80 -19.21
C GLN A 146 -11.48 -3.95 -20.20
N LYS A 147 -10.33 -3.46 -19.77
CA LYS A 147 -9.47 -2.64 -20.62
C LYS A 147 -8.41 -3.50 -21.31
N ILE A 148 -8.58 -4.81 -21.23
CA ILE A 148 -7.55 -5.74 -21.65
C ILE A 148 -7.35 -5.78 -23.16
N ASN A 149 -8.45 -5.71 -23.92
CA ASN A 149 -8.40 -5.74 -25.38
C ASN A 149 -8.13 -4.35 -25.96
N MET A 150 -7.68 -3.44 -25.11
CA MET A 150 -7.34 -2.10 -25.53
C MET A 150 -5.84 -1.92 -25.63
N TYR A 151 -5.12 -3.02 -25.48
CA TYR A 151 -3.68 -3.01 -25.48
C TYR A 151 -3.20 -4.24 -26.22
N LYS A 152 -2.08 -4.11 -26.92
CA LYS A 152 -1.61 -5.24 -27.67
C LYS A 152 -0.35 -5.83 -27.11
N ALA A 153 0.37 -5.04 -26.33
CA ALA A 153 1.60 -5.53 -25.71
C ALA A 153 1.33 -6.40 -24.47
N PRO A 154 1.89 -7.63 -24.44
CA PRO A 154 1.83 -8.53 -23.29
C PRO A 154 2.01 -7.82 -21.96
N ARG A 155 2.98 -6.89 -21.89
CA ARG A 155 3.16 -6.07 -20.69
C ARG A 155 1.88 -5.31 -20.37
N ASP A 156 1.42 -4.45 -21.28
CA ASP A 156 0.26 -3.60 -21.05
C ASP A 156 -0.94 -4.45 -20.64
N LYS A 157 -1.19 -5.52 -21.41
CA LYS A 157 -2.27 -6.46 -21.06
C LYS A 157 -2.15 -6.86 -19.59
N LEU A 158 -0.95 -7.24 -19.18
CA LEU A 158 -0.70 -7.67 -17.81
C LEU A 158 -1.08 -6.56 -16.82
N VAL A 159 -0.68 -5.32 -17.10
CA VAL A 159 -1.01 -4.21 -16.23
C VAL A 159 -2.54 -4.13 -15.97
N CYS A 160 -3.35 -4.15 -17.02
CA CYS A 160 -4.80 -4.25 -16.85
C CYS A 160 -5.08 -5.17 -15.67
N ILE A 161 -4.53 -6.39 -15.73
CA ILE A 161 -4.72 -7.40 -14.69
C ILE A 161 -4.23 -6.99 -13.30
N LEU A 162 -3.03 -6.40 -13.25
CA LEU A 162 -2.42 -6.06 -11.97
C LEU A 162 -3.13 -4.89 -11.33
N ASN A 163 -3.57 -3.95 -12.18
CA ASN A 163 -4.43 -2.83 -11.75
C ASN A 163 -5.77 -3.31 -11.18
N CYS A 164 -6.27 -4.42 -11.72
CA CYS A 164 -7.45 -5.07 -11.15
C CYS A 164 -7.06 -5.56 -9.76
N CYS A 165 -5.96 -6.30 -9.66
CA CYS A 165 -5.54 -6.87 -8.39
C CYS A 165 -5.32 -5.84 -7.30
N LYS A 166 -4.59 -4.77 -7.61
CA LYS A 166 -4.33 -3.70 -6.64
C LYS A 166 -5.64 -3.10 -6.12
N VAL A 167 -6.47 -2.60 -7.04
CA VAL A 167 -7.79 -2.06 -6.74
C VAL A 167 -8.53 -2.96 -5.74
N ILE A 168 -8.59 -4.26 -6.03
CA ILE A 168 -9.14 -5.26 -5.12
C ILE A 168 -8.50 -5.20 -3.73
N ASN A 169 -7.16 -5.14 -3.66
CA ASN A 169 -6.46 -5.15 -2.36
C ASN A 169 -6.67 -3.92 -1.50
N ASN A 170 -6.83 -2.78 -2.17
CA ASN A 170 -6.99 -1.54 -1.47
C ASN A 170 -8.32 -1.50 -0.75
N LEU A 171 -9.37 -1.83 -1.50
CA LEU A 171 -10.71 -1.90 -0.96
C LEU A 171 -10.78 -3.05 0.05
N LEU A 172 -10.08 -4.15 -0.24
CA LEU A 172 -9.98 -5.25 0.72
C LEU A 172 -9.25 -4.84 1.98
N LEU A 173 -8.07 -4.23 1.82
CA LEU A 173 -7.29 -3.75 2.95
C LEU A 173 -8.12 -2.78 3.79
N ASN A 174 -8.83 -1.87 3.11
CA ASN A 174 -9.73 -0.94 3.76
C ASN A 174 -10.74 -1.61 4.67
N ALA A 175 -11.39 -2.65 4.15
CA ALA A 175 -12.39 -3.39 4.91
C ALA A 175 -11.81 -4.02 6.17
N SER A 176 -10.51 -4.34 6.14
CA SER A 176 -9.81 -4.92 7.28
C SER A 176 -9.60 -3.89 8.40
N ILE A 177 -9.28 -2.67 8.00
CA ILE A 177 -9.19 -1.52 8.90
C ILE A 177 -10.59 -1.16 9.38
N ALA A 178 -11.51 -1.01 8.42
CA ALA A 178 -12.90 -0.68 8.70
C ALA A 178 -13.52 -1.59 9.74
N SER A 179 -13.22 -2.87 9.65
CA SER A 179 -13.78 -3.86 10.57
C SER A 179 -12.70 -4.55 11.42
N ASN A 180 -11.60 -3.83 11.68
CA ASN A 180 -10.61 -4.21 12.69
C ASN A 180 -9.80 -5.52 12.52
N GLU A 181 -9.96 -6.21 11.39
CA GLU A 181 -9.27 -7.48 11.16
C GLU A 181 -7.84 -7.24 10.67
N ASN A 182 -7.12 -8.34 10.39
CA ASN A 182 -5.81 -8.29 9.74
C ASN A 182 -5.91 -7.99 8.26
N ALA A 183 -4.75 -7.61 7.70
CA ALA A 183 -4.55 -7.53 6.25
C ALA A 183 -5.01 -8.84 5.57
N PRO A 184 -5.38 -8.76 4.27
CA PRO A 184 -6.03 -9.89 3.66
C PRO A 184 -5.05 -10.82 2.94
N GLY A 185 -5.33 -12.12 2.97
CA GLY A 185 -4.54 -13.10 2.22
C GLY A 185 -5.34 -13.68 1.08
N ALA A 186 -4.92 -14.84 0.60
CA ALA A 186 -5.61 -15.51 -0.48
C ALA A 186 -7.01 -15.99 -0.10
N ASP A 187 -7.31 -16.03 1.20
CA ASP A 187 -8.67 -16.36 1.65
C ASP A 187 -9.63 -15.26 1.26
N GLU A 188 -9.08 -14.07 1.03
CA GLU A 188 -9.89 -12.94 0.65
C GLU A 188 -9.76 -12.59 -0.83
N PHE A 189 -8.54 -12.65 -1.36
CA PHE A 189 -8.28 -12.22 -2.73
C PHE A 189 -8.84 -13.18 -3.80
N LEU A 190 -8.47 -14.44 -3.73
CA LEU A 190 -8.92 -15.36 -4.74
C LEU A 190 -10.44 -15.32 -4.96
N PRO A 191 -11.26 -15.39 -3.89
CA PRO A 191 -12.69 -15.39 -4.17
C PRO A 191 -13.19 -14.10 -4.80
N VAL A 192 -12.73 -12.94 -4.30
CA VAL A 192 -13.12 -11.63 -4.83
C VAL A 192 -12.65 -11.44 -6.26
N LEU A 193 -11.50 -12.02 -6.59
CA LEU A 193 -11.01 -11.98 -7.96
C LEU A 193 -12.00 -12.66 -8.88
N ILE A 194 -12.56 -13.78 -8.43
CA ILE A 194 -13.47 -14.54 -9.25
C ILE A 194 -14.74 -13.72 -9.46
N TYR A 195 -15.42 -13.37 -8.37
CA TYR A 195 -16.61 -12.56 -8.43
C TYR A 195 -16.38 -11.48 -9.48
N VAL A 196 -15.26 -10.79 -9.33
CA VAL A 196 -14.94 -9.61 -10.11
C VAL A 196 -14.59 -9.92 -11.55
N THR A 197 -14.17 -11.14 -11.80
CA THR A 197 -13.88 -11.58 -13.15
C THR A 197 -15.22 -11.90 -13.84
N ILE A 198 -16.13 -12.52 -13.11
CA ILE A 198 -17.41 -12.88 -13.66
C ILE A 198 -18.24 -11.63 -13.98
N LYS A 199 -18.33 -10.74 -13.00
CA LYS A 199 -19.02 -9.48 -13.19
C LYS A 199 -18.43 -8.69 -14.35
N ALA A 200 -17.13 -8.83 -14.57
CA ALA A 200 -16.40 -8.04 -15.56
C ALA A 200 -16.50 -8.53 -16.99
N ASN A 201 -16.72 -9.85 -17.15
CA ASN A 201 -16.58 -10.54 -18.44
C ASN A 201 -15.54 -9.91 -19.36
N PRO A 202 -14.25 -10.09 -19.07
CA PRO A 202 -13.23 -9.51 -19.93
C PRO A 202 -13.12 -10.40 -21.13
N PRO A 203 -13.65 -9.98 -22.28
CA PRO A 203 -13.72 -10.85 -23.45
C PRO A 203 -12.36 -11.38 -23.94
N GLN A 204 -12.39 -12.52 -24.62
CA GLN A 204 -11.20 -13.25 -25.08
C GLN A 204 -10.22 -13.53 -23.94
N LEU A 205 -10.76 -13.81 -22.75
CA LEU A 205 -9.94 -14.11 -21.57
C LEU A 205 -8.99 -15.25 -21.82
N HIS A 206 -9.54 -16.43 -22.08
CA HIS A 206 -8.72 -17.62 -22.26
C HIS A 206 -7.50 -17.32 -23.16
N SER A 207 -7.79 -16.81 -24.34
CA SER A 207 -6.72 -16.37 -25.23
C SER A 207 -5.83 -15.37 -24.52
N ASN A 208 -6.40 -14.28 -24.01
CA ASN A 208 -5.64 -13.25 -23.30
C ASN A 208 -4.61 -13.82 -22.31
N LEU A 209 -5.07 -14.66 -21.39
CA LEU A 209 -4.19 -15.17 -20.35
C LEU A 209 -3.04 -16.01 -20.88
N LEU A 210 -3.28 -16.72 -21.98
CA LEU A 210 -2.22 -17.46 -22.65
C LEU A 210 -1.29 -16.51 -23.39
N TYR A 211 -1.86 -15.52 -24.08
CA TYR A 211 -1.02 -14.62 -24.87
C TYR A 211 0.05 -14.04 -23.97
N ILE A 212 -0.37 -13.51 -22.82
CA ILE A 212 0.56 -12.95 -21.83
C ILE A 212 1.49 -14.04 -21.33
N GLN A 213 0.93 -15.23 -21.08
CA GLN A 213 1.72 -16.38 -20.61
C GLN A 213 2.86 -16.78 -21.56
N ARG A 214 2.60 -16.71 -22.86
CA ARG A 214 3.54 -17.14 -23.88
C ARG A 214 4.53 -16.06 -24.29
N TYR A 215 4.18 -14.79 -24.11
CA TYR A 215 4.94 -13.72 -24.78
C TYR A 215 5.41 -12.53 -23.93
N ARG A 216 4.97 -12.46 -22.69
CA ARG A 216 5.62 -11.55 -21.74
C ARG A 216 7.07 -12.01 -21.62
N ARG A 217 8.00 -11.09 -21.88
CA ARG A 217 9.43 -11.34 -21.68
C ARG A 217 9.66 -12.19 -20.44
N GLU A 218 9.81 -13.51 -20.64
CA GLU A 218 9.77 -14.52 -19.56
C GLU A 218 10.38 -14.07 -18.24
N SER A 219 11.52 -13.39 -18.32
CA SER A 219 12.23 -12.91 -17.15
C SER A 219 11.45 -11.88 -16.33
N LYS A 220 10.43 -11.26 -16.92
CA LYS A 220 9.57 -10.31 -16.20
C LYS A 220 8.30 -10.95 -15.62
N LEU A 221 7.90 -12.10 -16.16
CA LEU A 221 6.72 -12.80 -15.64
C LEU A 221 7.11 -13.58 -14.39
N VAL A 222 7.28 -12.86 -13.29
CA VAL A 222 7.91 -13.38 -12.08
C VAL A 222 7.50 -12.60 -10.84
N GLY A 223 7.71 -13.21 -9.68
CA GLY A 223 7.43 -12.57 -8.39
C GLY A 223 6.00 -12.08 -8.23
N GLU A 224 5.83 -10.92 -7.60
CA GLU A 224 4.52 -10.33 -7.41
C GLU A 224 3.62 -10.51 -8.65
N ALA A 225 4.19 -10.39 -9.86
CA ALA A 225 3.45 -10.54 -11.12
C ALA A 225 3.04 -11.97 -11.42
N ALA A 226 4.03 -12.86 -11.50
CA ALA A 226 3.74 -14.28 -11.74
C ALA A 226 2.62 -14.73 -10.80
N TYR A 227 2.71 -14.32 -9.55
CA TYR A 227 1.72 -14.72 -8.52
C TYR A 227 0.26 -14.40 -8.87
N PHE A 228 -0.04 -13.10 -8.98
CA PHE A 228 -1.40 -12.65 -9.29
C PHE A 228 -1.86 -13.09 -10.68
N PHE A 229 -0.92 -13.46 -11.54
CA PHE A 229 -1.24 -14.07 -12.81
C PHE A 229 -1.72 -15.51 -12.62
N THR A 230 -1.06 -16.25 -11.73
CA THR A 230 -1.49 -17.61 -11.43
C THR A 230 -2.87 -17.56 -10.79
N ASN A 231 -3.12 -16.47 -10.06
CA ASN A 231 -4.41 -16.21 -9.48
C ASN A 231 -5.51 -16.15 -10.56
N ILE A 232 -5.36 -15.22 -11.49
CA ILE A 232 -6.38 -15.03 -12.51
C ILE A 232 -6.47 -16.22 -13.47
N LEU A 233 -5.36 -16.95 -13.62
CA LEU A 233 -5.37 -18.15 -14.41
C LEU A 233 -6.23 -19.21 -13.71
N SER A 234 -6.14 -19.28 -12.39
CA SER A 234 -6.93 -20.22 -11.60
C SER A 234 -8.34 -19.70 -11.40
N ALA A 235 -8.50 -18.39 -11.56
CA ALA A 235 -9.83 -17.78 -11.62
C ALA A 235 -10.56 -18.24 -12.87
N GLU A 236 -9.86 -18.28 -14.00
CA GLU A 236 -10.46 -18.76 -15.26
C GLU A 236 -10.89 -20.22 -15.10
N SER A 237 -9.94 -21.06 -14.73
CA SER A 237 -10.17 -22.46 -14.42
C SER A 237 -11.44 -22.68 -13.61
N PHE A 238 -11.51 -22.04 -12.45
CA PHE A 238 -12.66 -22.20 -11.57
C PHE A 238 -13.94 -21.83 -12.31
N ILE A 239 -13.94 -20.65 -12.95
CA ILE A 239 -15.17 -20.13 -13.58
C ILE A 239 -15.61 -21.03 -14.73
N SER A 240 -14.64 -21.71 -15.32
CA SER A 240 -14.87 -22.63 -16.40
C SER A 240 -15.63 -23.86 -15.93
N ASN A 241 -15.48 -24.20 -14.65
CA ASN A 241 -15.97 -25.46 -14.11
C ASN A 241 -17.24 -25.34 -13.28
N ILE A 242 -17.85 -24.15 -13.36
CA ILE A 242 -18.96 -23.80 -12.49
C ILE A 242 -20.19 -24.66 -12.68
N ASP A 243 -20.61 -25.28 -11.58
CA ASP A 243 -21.88 -26.00 -11.46
C ASP A 243 -22.44 -25.77 -10.05
N ALA A 244 -23.72 -26.09 -9.86
CA ALA A 244 -24.34 -25.96 -8.54
C ALA A 244 -23.31 -26.09 -7.40
N LYS A 245 -22.59 -27.21 -7.34
CA LYS A 245 -21.75 -27.53 -6.19
C LYS A 245 -20.58 -26.56 -5.97
N SER A 246 -19.92 -26.15 -7.05
CA SER A 246 -18.80 -25.22 -6.90
C SER A 246 -19.23 -23.80 -6.49
N ILE A 247 -20.52 -23.47 -6.61
CA ILE A 247 -20.98 -22.18 -6.10
C ILE A 247 -22.03 -22.35 -5.00
N SER A 248 -22.09 -23.58 -4.47
CA SER A 248 -22.97 -23.95 -3.36
C SER A 248 -24.41 -23.50 -3.56
N LEU A 249 -25.14 -24.24 -4.40
CA LEU A 249 -26.57 -24.06 -4.63
C LEU A 249 -27.20 -25.42 -4.88
N ASP A 250 -28.48 -25.56 -4.54
CA ASP A 250 -29.26 -26.72 -5.00
C ASP A 250 -29.07 -26.92 -6.51
N GLU A 251 -29.09 -28.16 -6.96
CA GLU A 251 -28.97 -28.42 -8.38
C GLU A 251 -30.23 -27.88 -9.09
N ALA A 252 -31.21 -27.46 -8.28
CA ALA A 252 -32.45 -26.91 -8.82
C ALA A 252 -32.32 -25.41 -9.01
N GLU A 253 -32.11 -24.68 -7.92
CA GLU A 253 -31.91 -23.23 -7.96
C GLU A 253 -30.96 -22.86 -9.10
N PHE A 254 -29.75 -23.42 -9.06
CA PHE A 254 -28.68 -23.14 -10.02
C PHE A 254 -29.14 -23.21 -11.49
N GLU A 255 -29.73 -24.35 -11.86
CA GLU A 255 -30.26 -24.54 -13.20
C GLU A 255 -31.39 -23.55 -13.51
N LYS A 256 -32.34 -23.38 -12.60
CA LYS A 256 -33.40 -22.41 -12.82
C LYS A 256 -32.77 -21.04 -13.12
N ASN A 257 -31.78 -20.66 -12.32
CA ASN A 257 -31.10 -19.39 -12.51
C ASN A 257 -30.50 -19.32 -13.91
N MET A 258 -29.98 -20.45 -14.39
CA MET A 258 -29.38 -20.50 -15.71
C MET A 258 -30.40 -20.17 -16.79
N GLU A 259 -31.62 -20.71 -16.66
CA GLU A 259 -32.69 -20.45 -17.62
C GLU A 259 -33.00 -18.97 -17.60
N SER A 260 -33.23 -18.42 -16.41
CA SER A 260 -33.56 -16.98 -16.26
C SER A 260 -32.51 -16.17 -17.00
N ALA A 261 -31.25 -16.39 -16.61
CA ALA A 261 -30.11 -15.68 -17.17
C ALA A 261 -30.04 -15.78 -18.70
N ARG A 262 -30.40 -16.97 -19.20
CA ARG A 262 -30.45 -17.28 -20.62
C ARG A 262 -31.55 -16.47 -21.29
N ALA A 263 -32.67 -16.30 -20.58
CA ALA A 263 -33.84 -15.62 -21.10
C ALA A 263 -33.68 -14.11 -21.10
N ARG A 264 -32.75 -13.61 -20.29
CA ARG A 264 -32.50 -12.17 -20.19
C ARG A 264 -31.45 -11.64 -21.19
N SER B 10 21.96 -16.41 -5.52
CA SER B 10 22.35 -17.56 -4.67
C SER B 10 21.33 -18.70 -4.80
N ILE B 11 20.10 -18.51 -4.28
CA ILE B 11 18.96 -19.44 -4.52
C ILE B 11 17.61 -18.74 -4.39
N ASN B 12 16.95 -18.50 -5.53
CA ASN B 12 15.56 -18.06 -5.50
C ASN B 12 14.72 -19.28 -5.13
N ALA B 13 13.76 -19.10 -4.23
CA ALA B 13 13.01 -20.24 -3.70
C ALA B 13 11.52 -19.99 -3.52
N LYS B 14 10.72 -20.93 -4.02
CA LYS B 14 9.29 -20.83 -3.95
C LYS B 14 8.70 -21.61 -2.76
N LEU B 15 8.04 -20.88 -1.87
CA LEU B 15 7.32 -21.48 -0.75
C LEU B 15 5.81 -21.28 -0.86
N VAL B 16 5.06 -22.31 -0.47
CA VAL B 16 3.60 -22.31 -0.55
C VAL B 16 2.97 -22.56 0.81
N LEU B 17 2.03 -21.72 1.20
CA LEU B 17 1.24 -21.99 2.39
C LEU B 17 0.00 -22.80 2.01
N LEU B 18 -0.26 -23.86 2.76
CA LEU B 18 -1.46 -24.66 2.57
C LEU B 18 -2.13 -24.87 3.92
N GLY B 19 -3.44 -25.06 3.88
CA GLY B 19 -4.24 -25.16 5.09
C GLY B 19 -5.55 -24.46 4.85
N ASP B 20 -6.47 -24.59 5.80
CA ASP B 20 -7.79 -24.02 5.62
C ASP B 20 -7.93 -22.58 6.07
N VAL B 21 -9.16 -22.10 6.08
CA VAL B 21 -9.49 -20.88 6.78
C VAL B 21 -9.46 -21.22 8.26
N GLY B 22 -9.25 -20.22 9.11
CA GLY B 22 -9.22 -20.47 10.55
C GLY B 22 -7.94 -21.17 10.99
N ALA B 23 -7.15 -21.59 10.00
CA ALA B 23 -5.76 -22.00 10.24
C ALA B 23 -4.91 -20.76 10.31
N GLY B 24 -5.37 -19.70 9.65
CA GLY B 24 -4.81 -18.35 9.79
C GLY B 24 -3.41 -18.15 9.24
N LYS B 25 -3.05 -18.94 8.24
CA LYS B 25 -1.72 -18.86 7.59
C LYS B 25 -1.30 -17.45 7.20
N SER B 26 -2.28 -16.60 6.88
CA SER B 26 -2.03 -15.20 6.55
C SER B 26 -1.89 -14.34 7.78
N SER B 27 -2.53 -14.72 8.89
CA SER B 27 -2.26 -14.04 10.15
C SER B 27 -0.84 -14.42 10.58
N LEU B 28 -0.50 -15.68 10.34
CA LEU B 28 0.82 -16.24 10.61
C LEU B 28 1.98 -15.44 10.00
N VAL B 29 1.98 -15.28 8.67
CA VAL B 29 3.11 -14.68 7.96
C VAL B 29 3.25 -13.16 8.18
N LEU B 30 2.19 -12.54 8.67
CA LEU B 30 2.19 -11.10 8.97
C LEU B 30 3.29 -10.75 9.97
N ARG B 31 3.60 -11.69 10.87
CA ARG B 31 4.69 -11.51 11.81
C ARG B 31 6.04 -11.55 11.10
N PHE B 32 6.09 -12.28 9.99
CA PHE B 32 7.30 -12.39 9.18
C PHE B 32 7.73 -11.09 8.49
N VAL B 33 6.98 -10.01 8.72
CA VAL B 33 7.40 -8.67 8.31
C VAL B 33 7.36 -7.70 9.50
N ALA B 47 -0.89 -8.40 2.57
CA ALA B 47 -0.93 -8.93 1.14
C ALA B 47 -0.77 -10.45 1.02
N ALA B 48 -1.14 -10.97 -0.14
CA ALA B 48 -1.23 -12.41 -0.43
C ALA B 48 0.10 -13.06 -0.80
N PHE B 49 1.10 -12.23 -1.10
CA PHE B 49 2.37 -12.70 -1.59
C PHE B 49 3.46 -11.94 -0.90
N PHE B 50 4.51 -12.64 -0.49
CA PHE B 50 5.66 -11.98 0.16
C PHE B 50 7.00 -12.49 -0.30
N SER B 51 7.85 -11.56 -0.74
CA SER B 51 9.25 -11.87 -0.97
C SER B 51 9.98 -11.77 0.34
N GLN B 52 11.01 -12.60 0.48
CA GLN B 52 11.93 -12.50 1.61
C GLN B 52 13.25 -13.18 1.31
N THR B 53 14.29 -12.39 1.09
CA THR B 53 15.64 -12.91 0.91
C THR B 53 16.23 -13.24 2.29
N LEU B 54 16.52 -14.52 2.50
CA LEU B 54 16.99 -15.02 3.80
C LEU B 54 18.32 -15.76 3.67
N ALA B 55 19.27 -15.44 4.54
CA ALA B 55 20.64 -16.00 4.43
C ALA B 55 21.05 -16.88 5.61
N VAL B 56 21.46 -18.11 5.29
CA VAL B 56 21.95 -19.05 6.30
C VAL B 56 23.27 -19.68 5.88
N ASN B 57 24.18 -19.81 6.84
CA ASN B 57 25.43 -20.57 6.68
C ASN B 57 26.10 -20.35 5.30
N ASP B 58 26.46 -19.10 5.05
CA ASP B 58 27.00 -18.57 3.77
C ASP B 58 26.17 -18.73 2.50
N ALA B 59 25.29 -19.72 2.47
CA ALA B 59 24.29 -19.86 1.42
C ALA B 59 23.15 -18.85 1.65
N THR B 60 22.67 -18.21 0.58
CA THR B 60 21.56 -17.24 0.69
C THR B 60 20.33 -17.69 -0.09
N VAL B 61 19.15 -17.59 0.53
CA VAL B 61 17.91 -18.01 -0.12
C VAL B 61 16.83 -16.91 -0.23
N LYS B 62 16.46 -16.53 -1.45
CA LYS B 62 15.33 -15.63 -1.60
C LYS B 62 14.07 -16.45 -1.50
N PHE B 63 13.13 -15.97 -0.69
CA PHE B 63 11.87 -16.65 -0.55
C PHE B 63 10.74 -15.95 -1.29
N GLU B 64 10.14 -16.72 -2.20
CA GLU B 64 8.90 -16.39 -2.89
C GLU B 64 7.78 -17.14 -2.16
N ILE B 65 7.05 -16.46 -1.29
CA ILE B 65 5.99 -17.11 -0.50
C ILE B 65 4.60 -16.86 -1.09
N TRP B 66 3.89 -17.96 -1.33
CA TRP B 66 2.60 -17.94 -2.04
C TRP B 66 1.45 -18.37 -1.15
N ASP B 67 0.47 -17.48 -0.97
CA ASP B 67 -0.72 -17.78 -0.18
C ASP B 67 -1.78 -18.48 -1.03
N THR B 68 -2.47 -19.45 -0.44
CA THR B 68 -3.58 -20.11 -1.13
C THR B 68 -4.90 -19.87 -0.41
N ALA B 69 -5.99 -19.92 -1.18
CA ALA B 69 -7.32 -19.82 -0.64
C ALA B 69 -7.63 -21.15 0.05
N GLY B 70 -8.05 -21.06 1.32
CA GLY B 70 -8.16 -22.24 2.17
C GLY B 70 -9.47 -22.97 2.05
N GLN B 71 -10.43 -22.34 1.38
CA GLN B 71 -11.79 -22.87 1.24
C GLN B 71 -11.81 -24.14 0.40
N GLU B 72 -12.47 -25.18 0.92
CA GLU B 72 -12.62 -26.46 0.23
C GLU B 72 -13.01 -26.30 -1.25
N ARG B 73 -13.96 -25.41 -1.52
CA ARG B 73 -14.46 -25.24 -2.89
C ARG B 73 -13.38 -24.85 -3.87
N TYR B 74 -12.17 -24.61 -3.40
CA TYR B 74 -11.07 -24.28 -4.30
C TYR B 74 -9.97 -25.33 -4.29
N HIS B 75 -10.18 -26.42 -3.56
CA HIS B 75 -9.13 -27.40 -3.31
C HIS B 75 -8.34 -27.78 -4.54
N SER B 76 -9.03 -27.88 -5.68
CA SER B 76 -8.46 -28.44 -6.91
C SER B 76 -7.77 -27.37 -7.75
N LEU B 77 -7.81 -26.13 -7.29
CA LEU B 77 -6.96 -25.08 -7.85
C LEU B 77 -5.56 -25.21 -7.25
N ALA B 78 -5.46 -25.83 -6.08
CA ALA B 78 -4.21 -25.90 -5.33
C ALA B 78 -2.97 -26.21 -6.17
N PRO B 79 -3.04 -27.24 -7.06
CA PRO B 79 -1.87 -27.64 -7.83
C PRO B 79 -1.38 -26.59 -8.82
N MET B 80 -2.22 -25.63 -9.19
CA MET B 80 -1.76 -24.55 -10.06
C MET B 80 -0.82 -23.61 -9.30
N TYR B 81 -0.92 -23.64 -7.97
CA TYR B 81 -0.09 -22.82 -7.10
C TYR B 81 1.20 -23.52 -6.70
N TYR B 82 1.10 -24.76 -6.22
CA TYR B 82 2.31 -25.49 -5.80
C TYR B 82 3.07 -26.15 -6.96
N ARG B 83 2.66 -25.87 -8.20
CA ARG B 83 3.47 -26.27 -9.33
C ARG B 83 4.84 -25.61 -9.15
N GLY B 84 5.89 -26.44 -9.15
CA GLY B 84 7.26 -25.95 -9.05
C GLY B 84 7.59 -25.33 -7.69
N ALA B 85 7.08 -25.94 -6.63
CA ALA B 85 7.31 -25.44 -5.30
C ALA B 85 8.65 -25.96 -4.78
N ALA B 86 9.48 -25.05 -4.27
CA ALA B 86 10.69 -25.46 -3.59
C ALA B 86 10.31 -26.01 -2.22
N ALA B 87 9.29 -25.41 -1.62
CA ALA B 87 8.82 -25.81 -0.31
C ALA B 87 7.34 -25.48 -0.07
N ALA B 88 6.80 -26.04 1.01
CA ALA B 88 5.43 -25.79 1.43
C ALA B 88 5.34 -25.79 2.96
N ILE B 89 4.45 -24.95 3.48
CA ILE B 89 4.11 -24.95 4.89
C ILE B 89 2.61 -25.26 5.04
N ILE B 90 2.30 -26.28 5.81
CA ILE B 90 0.90 -26.69 6.00
C ILE B 90 0.42 -26.30 7.40
N VAL B 91 -0.44 -25.30 7.44
CA VAL B 91 -0.98 -24.79 8.70
C VAL B 91 -2.30 -25.50 9.02
N PHE B 92 -2.58 -25.68 10.30
CA PHE B 92 -3.89 -26.09 10.77
C PHE B 92 -4.26 -25.34 12.06
N ASP B 93 -5.45 -25.61 12.57
CA ASP B 93 -5.92 -24.95 13.78
C ASP B 93 -5.86 -25.97 14.90
N VAL B 94 -5.16 -25.63 15.98
CA VAL B 94 -4.96 -26.59 17.07
C VAL B 94 -6.21 -26.71 17.94
N THR B 95 -7.03 -25.66 17.95
CA THR B 95 -8.22 -25.62 18.80
C THR B 95 -9.45 -26.23 18.14
N ASN B 96 -9.32 -26.66 16.88
CA ASN B 96 -10.46 -27.16 16.12
C ASN B 96 -10.12 -28.36 15.22
N GLN B 97 -9.49 -29.36 15.85
CA GLN B 97 -9.31 -30.74 15.35
C GLN B 97 -9.42 -31.10 13.85
N ALA B 98 -10.49 -30.68 13.18
CA ALA B 98 -10.77 -31.15 11.82
C ALA B 98 -9.77 -30.61 10.79
N SER B 99 -9.16 -29.48 11.11
CA SER B 99 -8.16 -28.84 10.24
C SER B 99 -6.81 -29.54 10.30
N PHE B 100 -6.52 -30.20 11.42
CA PHE B 100 -5.39 -31.09 11.56
C PHE B 100 -5.51 -32.25 10.56
N GLU B 101 -6.73 -32.76 10.41
CA GLU B 101 -7.00 -33.86 9.46
C GLU B 101 -6.86 -33.37 8.01
N ARG B 102 -7.37 -32.17 7.75
CA ARG B 102 -7.17 -31.50 6.45
C ARG B 102 -5.69 -31.30 6.18
N ALA B 103 -4.92 -31.03 7.23
CA ALA B 103 -3.48 -30.92 7.12
C ALA B 103 -2.88 -32.25 6.67
N LYS B 104 -3.43 -33.36 7.19
CA LYS B 104 -3.00 -34.72 6.80
C LYS B 104 -3.20 -34.95 5.29
N LYS B 105 -4.39 -34.64 4.77
CA LYS B 105 -4.71 -34.82 3.35
C LYS B 105 -3.84 -33.95 2.45
N TRP B 106 -3.46 -32.78 2.96
CA TRP B 106 -2.56 -31.89 2.23
C TRP B 106 -1.19 -32.56 2.01
N VAL B 107 -0.48 -32.83 3.09
CA VAL B 107 0.83 -33.48 3.00
C VAL B 107 0.73 -34.76 2.18
N GLN B 108 -0.36 -35.51 2.39
CA GLN B 108 -0.68 -36.67 1.56
C GLN B 108 -0.71 -36.32 0.08
N GLU B 109 -1.34 -35.20 -0.26
CA GLU B 109 -1.45 -34.76 -1.65
C GLU B 109 -0.13 -34.24 -2.19
N LEU B 110 0.59 -33.50 -1.35
CA LEU B 110 1.92 -33.02 -1.68
C LEU B 110 2.86 -34.19 -1.94
N GLN B 111 2.94 -35.10 -0.98
CA GLN B 111 3.75 -36.32 -1.08
C GLN B 111 3.63 -36.96 -2.47
N ALA B 112 2.50 -36.75 -3.12
CA ALA B 112 2.18 -37.42 -4.38
C ALA B 112 2.28 -36.54 -5.64
N GLN B 113 1.94 -35.25 -5.53
CA GLN B 113 1.78 -34.39 -6.71
C GLN B 113 2.91 -33.39 -6.93
N GLY B 114 3.58 -33.00 -5.85
CA GLY B 114 4.73 -32.10 -5.92
C GLY B 114 5.97 -32.86 -6.31
N ASN B 115 7.00 -32.15 -6.77
CA ASN B 115 8.28 -32.80 -7.07
C ASN B 115 8.94 -33.29 -5.77
N PRO B 116 9.21 -34.62 -5.70
CA PRO B 116 9.64 -35.36 -4.50
C PRO B 116 10.78 -34.73 -3.71
N ASN B 117 11.43 -33.74 -4.31
CA ASN B 117 12.51 -33.00 -3.68
C ASN B 117 11.96 -31.76 -2.98
N MET B 118 10.90 -31.93 -2.20
CA MET B 118 10.20 -30.80 -1.59
C MET B 118 10.32 -30.79 -0.08
N VAL B 119 10.74 -29.65 0.47
CA VAL B 119 10.92 -29.51 1.91
C VAL B 119 9.62 -29.04 2.54
N MET B 120 8.93 -29.94 3.22
CA MET B 120 7.64 -29.62 3.80
C MET B 120 7.76 -29.33 5.29
N ALA B 121 6.85 -28.50 5.79
CA ALA B 121 6.80 -28.13 7.20
C ALA B 121 5.36 -28.11 7.67
N LEU B 122 5.15 -28.60 8.88
CA LEU B 122 3.84 -28.56 9.50
C LEU B 122 3.88 -27.51 10.59
N ALA B 123 2.86 -26.65 10.60
CA ALA B 123 2.73 -25.62 11.61
C ALA B 123 1.35 -25.75 12.25
N GLY B 124 1.33 -25.82 13.58
CA GLY B 124 0.08 -25.84 14.32
C GLY B 124 -0.11 -24.45 14.88
N ASN B 125 -1.05 -23.72 14.29
CA ASN B 125 -1.25 -22.33 14.66
C ASN B 125 -2.40 -22.17 15.64
N LYS B 126 -2.51 -20.95 16.18
CA LYS B 126 -3.47 -20.58 17.23
C LYS B 126 -3.31 -21.36 18.55
N SER B 127 -2.05 -21.63 18.92
CA SER B 127 -1.70 -22.14 20.25
C SER B 127 -1.72 -21.00 21.28
N ASP B 128 -1.86 -19.79 20.76
CA ASP B 128 -1.96 -18.53 21.52
C ASP B 128 -3.11 -18.51 22.53
N LEU B 129 -3.89 -19.59 22.59
CA LEU B 129 -4.93 -19.76 23.60
C LEU B 129 -4.41 -20.82 24.60
N LEU B 130 -4.23 -20.38 25.85
CA LEU B 130 -3.46 -21.15 26.85
C LEU B 130 -4.05 -22.48 27.32
N ASP B 131 -5.30 -22.74 26.98
CA ASP B 131 -5.98 -23.98 27.39
C ASP B 131 -7.00 -24.53 26.38
N ALA B 132 -7.30 -23.74 25.34
CA ALA B 132 -8.28 -24.14 24.32
C ALA B 132 -7.75 -25.25 23.41
N ARG B 133 -6.43 -25.29 23.25
CA ARG B 133 -5.75 -26.27 22.39
C ARG B 133 -6.35 -27.67 22.52
N LYS B 134 -6.68 -28.27 21.37
CA LYS B 134 -7.35 -29.58 21.32
C LYS B 134 -6.43 -30.68 20.77
N VAL B 135 -5.31 -30.28 20.19
CA VAL B 135 -4.37 -31.20 19.56
C VAL B 135 -3.06 -31.23 20.33
N THR B 136 -2.63 -32.43 20.74
CA THR B 136 -1.40 -32.57 21.57
C THR B 136 -0.12 -32.39 20.76
N ALA B 137 0.94 -31.97 21.44
CA ALA B 137 2.26 -31.77 20.84
C ALA B 137 2.84 -33.06 20.29
N GLU B 138 2.56 -34.17 20.96
CA GLU B 138 2.99 -35.49 20.47
C GLU B 138 2.22 -35.87 19.22
N ASP B 139 0.89 -35.83 19.28
CA ASP B 139 0.01 -36.07 18.13
C ASP B 139 0.57 -35.46 16.84
N ALA B 140 1.03 -34.22 16.96
CA ALA B 140 1.56 -33.47 15.85
C ALA B 140 3.01 -33.84 15.56
N GLN B 141 3.83 -33.91 16.62
CA GLN B 141 5.25 -34.23 16.49
C GLN B 141 5.45 -35.61 15.87
N THR B 142 4.65 -36.58 16.32
CA THR B 142 4.76 -37.96 15.86
C THR B 142 4.39 -38.12 14.38
N TYR B 143 3.24 -37.57 13.97
CA TYR B 143 2.80 -37.63 12.57
C TYR B 143 3.79 -36.98 11.61
N ALA B 144 4.27 -35.79 11.99
CA ALA B 144 5.26 -35.04 11.21
C ALA B 144 6.55 -35.82 11.02
N GLN B 145 7.05 -36.37 12.13
CA GLN B 145 8.24 -37.21 12.15
C GLN B 145 8.10 -38.35 11.16
N GLU B 146 6.96 -39.04 11.25
CA GLU B 146 6.63 -40.18 10.41
C GLU B 146 6.65 -39.88 8.91
N ASN B 147 6.52 -38.61 8.54
CA ASN B 147 6.34 -38.27 7.14
C ASN B 147 7.38 -37.36 6.50
N GLY B 148 8.51 -37.18 7.18
CA GLY B 148 9.67 -36.50 6.59
C GLY B 148 9.67 -34.98 6.71
N LEU B 149 9.06 -34.48 7.79
CA LEU B 149 8.99 -33.05 8.05
C LEU B 149 9.02 -32.76 9.55
N PHE B 150 9.23 -31.50 9.90
CA PHE B 150 9.21 -31.10 11.28
C PHE B 150 7.89 -30.40 11.59
N PHE B 151 7.55 -30.36 12.87
CA PHE B 151 6.41 -29.62 13.38
C PHE B 151 6.89 -28.41 14.18
N MET B 152 6.14 -27.32 14.12
CA MET B 152 6.36 -26.19 15.02
C MET B 152 5.05 -25.67 15.58
N GLU B 153 5.07 -25.26 16.84
CA GLU B 153 3.91 -24.64 17.45
C GLU B 153 3.94 -23.13 17.15
N THR B 154 3.23 -22.75 16.11
CA THR B 154 3.19 -21.37 15.64
C THR B 154 2.18 -20.54 16.40
N SER B 155 2.47 -19.25 16.47
CA SER B 155 1.66 -18.29 17.18
C SER B 155 1.91 -16.90 16.60
N ALA B 156 0.82 -16.20 16.32
CA ALA B 156 0.89 -14.87 15.71
C ALA B 156 0.77 -13.75 16.76
N LYS B 157 0.03 -14.03 17.82
CA LYS B 157 -0.19 -13.08 18.91
C LYS B 157 1.07 -12.92 19.76
N THR B 158 1.82 -14.02 19.89
CA THR B 158 3.06 -14.05 20.67
C THR B 158 4.32 -14.29 19.82
N ALA B 159 4.27 -13.89 18.54
CA ALA B 159 5.42 -13.91 17.59
C ALA B 159 6.27 -15.19 17.58
N THR B 160 5.69 -16.27 18.12
CA THR B 160 6.41 -17.52 18.34
C THR B 160 6.43 -18.34 17.05
N ASN B 161 7.61 -18.84 16.69
CA ASN B 161 7.79 -19.79 15.59
C ASN B 161 7.50 -19.28 14.16
N VAL B 162 7.52 -17.97 13.97
CA VAL B 162 7.38 -17.40 12.63
C VAL B 162 8.76 -17.12 12.03
N LYS B 163 9.53 -16.24 12.70
CA LYS B 163 10.94 -16.04 12.36
C LYS B 163 11.63 -17.38 12.19
N GLU B 164 11.29 -18.29 13.11
CA GLU B 164 11.96 -19.56 13.32
C GLU B 164 11.80 -20.56 12.17
N ILE B 165 10.56 -20.79 11.75
CA ILE B 165 10.21 -21.89 10.85
C ILE B 165 10.83 -21.83 9.44
N PHE B 166 11.08 -20.62 8.96
CA PHE B 166 11.61 -20.42 7.61
C PHE B 166 13.07 -20.88 7.47
N TYR B 167 13.88 -20.57 8.49
CA TYR B 167 15.28 -20.98 8.54
C TYR B 167 15.49 -22.50 8.45
N GLU B 168 14.81 -23.26 9.31
CA GLU B 168 14.92 -24.72 9.32
C GLU B 168 14.71 -25.30 7.92
N ILE B 169 13.75 -24.73 7.19
CA ILE B 169 13.47 -25.08 5.80
C ILE B 169 14.65 -24.69 4.91
N ALA B 170 15.18 -23.47 5.13
CA ALA B 170 16.29 -22.94 4.34
C ALA B 170 17.48 -23.87 4.44
N ARG B 171 17.79 -24.25 5.68
CA ARG B 171 18.84 -25.21 5.98
C ARG B 171 18.74 -26.46 5.10
N ARG B 172 17.51 -26.79 4.69
CA ARG B 172 17.21 -28.08 4.05
C ARG B 172 17.01 -28.05 2.54
N LEU B 173 17.34 -26.94 1.89
CA LEU B 173 17.11 -26.78 0.46
C LEU B 173 18.31 -27.15 -0.41
N PRO B 174 18.10 -28.01 -1.42
CA PRO B 174 19.07 -28.32 -2.49
C PRO B 174 19.56 -27.07 -3.20
N MET C 19 0.56 -9.83 33.73
CA MET C 19 0.85 -8.47 34.31
C MET C 19 1.12 -8.53 35.82
N ARG C 20 0.34 -9.35 36.54
CA ARG C 20 0.41 -9.44 38.00
C ARG C 20 1.59 -10.28 38.54
N LYS C 21 2.81 -9.80 38.28
CA LYS C 21 4.02 -10.47 38.75
C LYS C 21 4.43 -9.90 40.11
N PRO C 22 4.54 -10.78 41.13
CA PRO C 22 4.88 -10.37 42.52
C PRO C 22 6.23 -9.66 42.67
N SER C 23 7.16 -9.91 41.75
CA SER C 23 8.49 -9.29 41.78
C SER C 23 8.47 -7.85 41.24
N ALA C 24 7.39 -7.49 40.54
CA ALA C 24 7.28 -6.19 39.87
C ALA C 24 6.59 -5.11 40.72
N GLY C 25 6.64 -5.26 42.04
CA GLY C 25 6.02 -4.32 42.98
C GLY C 25 6.51 -2.88 42.85
N ASP C 26 7.82 -2.71 42.66
CA ASP C 26 8.45 -1.40 42.63
C ASP C 26 7.91 -0.45 41.57
N PHE C 27 7.63 -1.00 40.39
CA PHE C 27 7.07 -0.21 39.30
C PHE C 27 5.63 0.17 39.58
N VAL C 28 4.88 -0.73 40.23
CA VAL C 28 3.55 -0.41 40.71
C VAL C 28 3.67 0.65 41.82
N LYS C 29 4.61 0.45 42.73
CA LYS C 29 4.92 1.42 43.78
C LYS C 29 5.55 2.69 43.20
N SER C 30 5.99 2.58 41.95
CA SER C 30 6.43 3.74 41.17
C SER C 30 5.24 4.42 40.49
N ILE C 31 4.39 3.62 39.85
CA ILE C 31 3.24 4.11 39.09
C ILE C 31 2.21 4.76 40.01
N LYS C 32 1.78 4.02 41.04
CA LYS C 32 0.68 4.45 41.93
C LYS C 32 0.96 5.78 42.64
N SER C 33 2.23 6.05 42.92
CA SER C 33 2.64 7.32 43.52
C SER C 33 2.42 8.50 42.56
N PHE C 34 2.65 8.27 41.27
CA PHE C 34 2.51 9.30 40.23
C PHE C 34 1.08 9.81 40.11
N ILE C 35 0.12 8.89 40.05
CA ILE C 35 -1.28 9.23 39.84
C ILE C 35 -1.82 10.08 40.99
N VAL C 36 -1.38 9.76 42.20
CA VAL C 36 -1.73 10.59 43.35
C VAL C 36 -0.93 11.90 43.35
N SER C 37 0.36 11.82 43.03
CA SER C 37 1.24 12.99 42.94
C SER C 37 0.71 14.03 41.96
N PHE C 38 -0.15 13.58 41.06
CA PHE C 38 -0.73 14.42 40.04
C PHE C 38 -2.00 15.06 40.54
N SER C 39 -3.01 14.21 40.76
CA SER C 39 -4.37 14.62 41.08
C SER C 39 -4.51 15.70 42.17
N ASN C 40 -3.46 15.93 42.94
CA ASN C 40 -3.48 16.95 44.00
C ASN C 40 -3.18 18.39 43.53
N ASN C 41 -2.67 18.52 42.31
CA ASN C 41 -2.29 19.84 41.77
C ASN C 41 -3.48 20.67 41.29
N ALA C 42 -3.19 21.87 40.78
CA ALA C 42 -4.18 22.71 40.11
C ALA C 42 -4.27 22.32 38.64
N PRO C 43 -5.39 22.65 37.95
CA PRO C 43 -5.54 22.12 36.61
C PRO C 43 -4.89 23.02 35.55
N ASP C 44 -3.83 22.50 34.93
CA ASP C 44 -3.13 23.19 33.83
C ASP C 44 -2.41 22.25 32.87
N PRO C 45 -2.75 22.35 31.57
CA PRO C 45 -2.03 21.79 30.43
C PRO C 45 -0.50 21.72 30.55
N GLU C 46 0.19 22.86 30.48
CA GLU C 46 1.66 22.89 30.37
C GLU C 46 2.40 22.03 31.39
N LYS C 47 2.13 22.26 32.68
CA LYS C 47 2.75 21.48 33.75
C LYS C 47 2.30 20.03 33.70
N ASP C 48 0.99 19.83 33.49
CA ASP C 48 0.40 18.50 33.46
C ASP C 48 1.13 17.50 32.58
N CYS C 49 1.27 17.82 31.30
CA CYS C 49 1.86 16.89 30.35
C CYS C 49 3.38 16.91 30.38
N ALA C 50 3.97 18.06 30.76
CA ALA C 50 5.42 18.18 30.91
C ALA C 50 5.91 17.15 31.92
N MET C 51 5.18 17.06 33.01
CA MET C 51 5.37 16.00 34.00
C MET C 51 5.19 14.61 33.38
N VAL C 52 4.05 14.40 32.72
CA VAL C 52 3.66 13.11 32.15
C VAL C 52 4.68 12.57 31.14
N GLN C 53 5.18 13.44 30.26
CA GLN C 53 6.22 13.05 29.31
C GLN C 53 7.48 12.68 30.07
N GLU C 54 7.81 13.48 31.08
CA GLU C 54 8.99 13.27 31.90
C GLU C 54 8.91 11.90 32.56
N PHE C 55 7.71 11.55 33.03
CA PHE C 55 7.44 10.24 33.60
C PHE C 55 7.59 9.14 32.55
N PHE C 56 7.00 9.37 31.38
CA PHE C 56 7.10 8.40 30.28
C PHE C 56 8.57 8.12 29.97
N SER C 57 9.32 9.17 29.69
CA SER C 57 10.77 9.09 29.42
C SER C 57 11.52 8.40 30.55
N LYS C 58 11.06 8.62 31.78
CA LYS C 58 11.68 8.02 32.96
C LYS C 58 11.45 6.53 32.93
N MET C 59 10.18 6.14 32.91
CA MET C 59 9.75 4.74 32.89
C MET C 59 10.29 4.00 31.66
N GLU C 60 10.58 4.75 30.60
CA GLU C 60 11.04 4.17 29.34
C GLU C 60 12.34 3.38 29.57
N ALA C 61 13.42 4.08 29.91
CA ALA C 61 14.71 3.46 30.15
C ALA C 61 14.65 2.37 31.21
N ALA C 62 13.74 2.53 32.16
CA ALA C 62 13.64 1.64 33.33
C ALA C 62 13.24 0.19 33.01
N PHE C 63 12.29 0.02 32.09
CA PHE C 63 11.83 -1.32 31.70
C PHE C 63 12.94 -2.16 31.08
N ARG C 64 13.91 -1.48 30.47
CA ARG C 64 15.13 -2.13 29.97
C ARG C 64 16.05 -2.47 31.15
N ALA C 65 16.21 -1.50 32.06
CA ALA C 65 17.06 -1.66 33.24
C ALA C 65 16.55 -2.72 34.23
N HIS C 66 15.33 -3.23 34.01
CA HIS C 66 14.80 -4.34 34.81
C HIS C 66 15.59 -5.62 34.52
N PRO C 67 16.08 -6.28 35.59
CA PRO C 67 16.99 -7.43 35.49
C PRO C 67 16.42 -8.63 34.72
N LEU C 68 15.23 -9.08 35.11
CA LEU C 68 14.56 -10.24 34.51
C LEU C 68 14.13 -9.92 33.07
N TRP C 69 13.49 -8.76 32.92
CA TRP C 69 13.20 -8.18 31.61
C TRP C 69 14.53 -7.69 31.03
N SER C 70 15.40 -8.64 30.69
CA SER C 70 16.77 -8.32 30.32
C SER C 70 16.90 -7.58 28.97
N GLY C 71 16.54 -8.21 27.84
CA GLY C 71 16.03 -9.59 27.77
C GLY C 71 14.94 -9.80 26.75
N CYS C 72 14.63 -8.74 25.99
CA CYS C 72 13.49 -8.73 25.04
C CYS C 72 13.86 -8.08 23.70
N SER C 73 12.89 -8.05 22.78
CA SER C 73 13.05 -7.34 21.51
C SER C 73 12.55 -5.88 21.64
N GLU C 74 12.35 -5.21 20.51
CA GLU C 74 11.95 -3.81 20.50
C GLU C 74 10.42 -3.64 20.48
N GLU C 75 9.75 -4.53 19.76
CA GLU C 75 8.29 -4.53 19.68
C GLU C 75 7.66 -4.68 21.07
N GLU C 76 8.26 -5.52 21.90
CA GLU C 76 7.79 -5.76 23.27
C GLU C 76 7.96 -4.52 24.13
N LEU C 77 9.05 -3.79 23.93
CA LEU C 77 9.29 -2.58 24.69
C LEU C 77 8.34 -1.46 24.25
N ASP C 78 7.89 -1.52 23.00
CA ASP C 78 6.77 -0.69 22.56
C ASP C 78 5.49 -1.16 23.26
N SER C 79 5.31 -2.49 23.31
CA SER C 79 4.09 -3.09 23.84
C SER C 79 3.88 -2.74 25.30
N ALA C 80 4.98 -2.59 26.03
CA ALA C 80 4.94 -2.24 27.44
C ALA C 80 4.85 -0.73 27.64
N GLY C 81 5.32 0.02 26.65
CA GLY C 81 5.30 1.48 26.69
C GLY C 81 3.91 2.05 26.49
N ASP C 82 3.18 1.47 25.55
CA ASP C 82 1.81 1.89 25.23
C ASP C 82 0.87 1.42 26.32
N GLY C 83 1.10 0.20 26.80
CA GLY C 83 0.32 -0.37 27.90
C GLY C 83 0.24 0.59 29.06
N LEU C 84 1.38 1.18 29.40
CA LEU C 84 1.46 2.15 30.49
C LEU C 84 0.78 3.46 30.14
N GLU C 85 0.98 3.93 28.91
CA GLU C 85 0.32 5.12 28.41
C GLU C 85 -1.20 4.96 28.55
N LYS C 86 -1.72 3.80 28.11
CA LYS C 86 -3.15 3.46 28.19
C LYS C 86 -3.67 3.51 29.63
N TYR C 87 -2.94 2.87 30.53
CA TYR C 87 -3.24 2.83 31.97
C TYR C 87 -3.24 4.21 32.66
N VAL C 88 -2.08 4.89 32.63
CA VAL C 88 -1.89 6.23 33.23
C VAL C 88 -2.89 7.24 32.67
N MET C 89 -3.08 7.22 31.35
CA MET C 89 -4.01 8.11 30.69
C MET C 89 -5.48 7.83 31.01
N THR C 90 -5.80 6.62 31.45
CA THR C 90 -7.17 6.32 31.82
C THR C 90 -7.55 6.94 33.17
N LYS C 91 -6.67 6.81 34.16
CA LYS C 91 -6.86 7.43 35.47
C LYS C 91 -6.89 8.97 35.40
N LEU C 92 -6.01 9.58 34.61
CA LEU C 92 -5.98 11.04 34.52
C LEU C 92 -7.06 11.62 33.62
N PHE C 93 -7.64 10.79 32.76
CA PHE C 93 -8.49 11.26 31.67
C PHE C 93 -9.44 12.42 31.99
N THR C 94 -10.31 12.25 33.00
CA THR C 94 -11.36 13.25 33.28
C THR C 94 -10.79 14.59 33.79
N ARG C 95 -9.50 14.57 34.15
CA ARG C 95 -8.81 15.77 34.57
C ARG C 95 -8.21 16.47 33.35
N VAL C 96 -7.58 15.70 32.47
CA VAL C 96 -6.75 16.23 31.40
C VAL C 96 -7.39 16.30 30.01
N PHE C 97 -8.71 16.13 29.93
CA PHE C 97 -9.44 16.17 28.66
C PHE C 97 -10.47 17.29 28.67
N ALA C 98 -10.18 18.36 27.93
CA ALA C 98 -11.08 19.52 27.88
C ALA C 98 -11.30 20.02 29.30
N SER C 99 -10.19 20.26 29.99
CA SER C 99 -10.18 20.57 31.42
C SER C 99 -10.65 21.98 31.75
N ASN C 100 -11.11 22.72 30.75
CA ASN C 100 -11.43 24.14 30.90
C ASN C 100 -12.48 24.64 29.92
N THR C 101 -12.99 25.84 30.18
CA THR C 101 -14.03 26.44 29.34
C THR C 101 -13.59 26.72 27.92
N GLU C 102 -12.38 27.26 27.73
CA GLU C 102 -11.97 27.74 26.41
C GLU C 102 -11.68 26.65 25.36
N GLU C 103 -11.33 25.45 25.82
CA GLU C 103 -11.25 24.29 24.92
C GLU C 103 -12.65 23.74 24.58
N VAL C 104 -13.56 23.79 25.55
CA VAL C 104 -14.96 23.42 25.37
C VAL C 104 -15.71 24.36 24.40
N ILE C 105 -15.43 25.65 24.45
CA ILE C 105 -16.05 26.57 23.50
C ILE C 105 -15.44 26.38 22.11
N ALA C 106 -14.12 26.23 22.06
CA ALA C 106 -13.41 25.92 20.81
C ALA C 106 -14.09 24.71 20.17
N ASP C 107 -14.21 23.63 20.94
CA ASP C 107 -15.00 22.48 20.55
C ASP C 107 -16.34 22.90 19.90
N GLU C 108 -17.16 23.65 20.63
CA GLU C 108 -18.52 24.02 20.20
C GLU C 108 -18.53 24.88 18.93
N LYS C 109 -17.58 25.79 18.82
CA LYS C 109 -17.51 26.66 17.66
C LYS C 109 -17.14 25.82 16.45
N LEU C 110 -16.15 24.95 16.63
CA LEU C 110 -15.72 24.05 15.59
C LEU C 110 -16.89 23.22 15.08
N PHE C 111 -17.59 22.52 15.99
CA PHE C 111 -18.76 21.72 15.64
C PHE C 111 -19.90 22.48 14.95
N GLN C 112 -20.30 23.66 15.46
CA GLN C 112 -21.41 24.43 14.85
C GLN C 112 -20.96 24.96 13.49
N LYS C 113 -19.74 25.49 13.43
CA LYS C 113 -19.16 25.92 12.15
C LYS C 113 -19.19 24.74 11.17
N MET C 114 -18.75 23.57 11.63
CA MET C 114 -18.82 22.36 10.81
C MET C 114 -20.25 21.90 10.55
N SER C 115 -21.13 22.06 11.54
CA SER C 115 -22.52 21.63 11.38
C SER C 115 -23.17 22.39 10.24
N LEU C 116 -22.82 23.67 10.11
CA LEU C 116 -23.32 24.50 9.02
C LEU C 116 -22.62 24.20 7.69
N VAL C 117 -21.31 24.37 7.67
CA VAL C 117 -20.55 24.29 6.40
C VAL C 117 -20.66 22.92 5.68
N GLN C 118 -20.81 21.85 6.46
CA GLN C 118 -20.93 20.50 5.90
C GLN C 118 -21.99 20.43 4.81
N GLN C 119 -23.05 21.23 4.99
CA GLN C 119 -24.27 21.15 4.18
C GLN C 119 -24.06 21.53 2.73
N PHE C 120 -23.32 22.61 2.49
CA PHE C 120 -23.25 23.18 1.15
C PHE C 120 -21.92 23.04 0.43
N ILE C 121 -20.92 22.44 1.07
CA ILE C 121 -19.60 22.36 0.47
C ILE C 121 -19.54 21.39 -0.74
N SER C 122 -18.66 21.69 -1.68
CA SER C 122 -18.42 20.85 -2.84
C SER C 122 -16.92 20.56 -3.00
N PRO C 123 -16.57 19.34 -3.47
CA PRO C 123 -15.18 18.97 -3.78
C PRO C 123 -14.41 20.01 -4.60
N GLU C 124 -15.09 20.70 -5.53
CA GLU C 124 -14.46 21.78 -6.30
C GLU C 124 -14.09 23.01 -5.45
N ASN C 125 -14.72 23.17 -4.30
CA ASN C 125 -14.35 24.22 -3.34
C ASN C 125 -12.93 24.10 -2.80
N LEU C 126 -12.47 22.86 -2.62
CA LEU C 126 -11.16 22.60 -2.08
C LEU C 126 -10.21 22.04 -3.15
N ASP C 127 -10.55 22.28 -4.41
CA ASP C 127 -9.69 21.93 -5.54
C ASP C 127 -9.58 20.44 -5.77
N ILE C 128 -10.49 19.67 -5.18
CA ILE C 128 -10.53 18.23 -5.44
C ILE C 128 -10.94 17.99 -6.89
N GLN C 129 -10.04 17.36 -7.63
CA GLN C 129 -10.23 17.14 -9.06
C GLN C 129 -11.17 15.98 -9.30
N PRO C 130 -12.06 16.10 -10.32
CA PRO C 130 -13.00 15.02 -10.67
C PRO C 130 -12.31 13.66 -10.78
N THR C 131 -11.13 13.65 -11.41
CA THR C 131 -10.34 12.43 -11.56
C THR C 131 -10.09 11.69 -10.23
N PHE C 132 -10.06 12.43 -9.12
CA PHE C 132 -9.84 11.86 -7.78
C PHE C 132 -11.06 11.86 -6.88
N GLN C 133 -12.20 12.26 -7.44
CA GLN C 133 -13.42 12.33 -6.64
C GLN C 133 -13.96 10.94 -6.40
N ASN C 134 -14.45 10.70 -5.19
CA ASN C 134 -15.01 9.40 -4.85
C ASN C 134 -16.48 9.54 -4.50
N GLU C 135 -17.24 8.56 -4.98
CA GLU C 135 -18.70 8.58 -5.05
C GLU C 135 -19.39 8.83 -3.70
N SER C 136 -19.16 7.94 -2.74
CA SER C 136 -19.77 8.04 -1.41
C SER C 136 -19.20 9.15 -0.52
N SER C 137 -18.47 10.11 -1.12
CA SER C 137 -17.73 11.12 -0.35
C SER C 137 -16.82 10.48 0.72
N TRP C 138 -16.14 9.40 0.35
CA TRP C 138 -15.21 8.71 1.26
C TRP C 138 -15.84 8.41 2.63
N LEU C 139 -17.08 7.93 2.58
CA LEU C 139 -17.90 7.64 3.77
C LEU C 139 -17.24 6.69 4.78
N LEU C 140 -16.34 5.82 4.31
CA LEU C 140 -15.68 4.88 5.21
C LEU C 140 -14.64 5.58 6.07
N ALA C 141 -13.85 6.44 5.43
CA ALA C 141 -12.87 7.27 6.12
C ALA C 141 -13.51 8.08 7.23
N GLN C 142 -14.65 8.73 6.92
CA GLN C 142 -15.37 9.56 7.88
C GLN C 142 -15.74 8.79 9.14
N LYS C 143 -16.21 7.55 8.92
CA LYS C 143 -16.64 6.69 10.01
C LYS C 143 -15.45 6.29 10.86
N GLU C 144 -14.29 6.15 10.23
CA GLU C 144 -13.08 5.78 10.96
C GLU C 144 -12.67 6.88 11.92
N LEU C 145 -12.68 8.12 11.42
CA LEU C 145 -12.49 9.32 12.24
C LEU C 145 -13.41 9.30 13.46
N GLN C 146 -14.73 9.18 13.21
CA GLN C 146 -15.74 9.26 14.29
C GLN C 146 -15.46 8.32 15.45
N LYS C 147 -14.68 7.29 15.19
CA LYS C 147 -14.38 6.32 16.21
C LYS C 147 -13.44 6.91 17.26
N ILE C 148 -12.97 8.12 17.00
CA ILE C 148 -12.04 8.82 17.89
C ILE C 148 -12.57 8.89 19.33
N ASN C 149 -13.87 9.07 19.48
CA ASN C 149 -14.49 9.22 20.78
C ASN C 149 -14.88 7.90 21.43
N MET C 150 -14.18 6.83 21.07
CA MET C 150 -14.40 5.53 21.68
C MET C 150 -13.16 5.05 22.42
N TYR C 151 -12.19 5.96 22.53
CA TYR C 151 -10.86 5.61 23.00
C TYR C 151 -10.25 6.71 23.87
N LYS C 152 -9.72 6.32 25.02
CA LYS C 152 -9.07 7.25 25.93
C LYS C 152 -7.58 7.32 25.63
N ALA C 153 -6.96 6.16 25.48
CA ALA C 153 -5.55 6.07 25.14
C ALA C 153 -5.26 7.00 23.96
N PRO C 154 -4.25 7.91 24.09
CA PRO C 154 -3.84 8.74 22.95
C PRO C 154 -3.42 7.92 21.74
N ARG C 155 -2.66 6.85 21.98
CA ARG C 155 -2.32 5.92 20.90
C ARG C 155 -3.58 5.58 20.09
N ASP C 156 -4.56 4.98 20.75
CA ASP C 156 -5.81 4.55 20.12
C ASP C 156 -6.53 5.66 19.32
N LYS C 157 -6.77 6.82 19.94
CA LYS C 157 -7.28 8.00 19.23
C LYS C 157 -6.53 8.28 17.93
N LEU C 158 -5.19 8.25 17.99
CA LEU C 158 -4.37 8.53 16.81
C LEU C 158 -4.54 7.44 15.74
N VAL C 159 -4.65 6.20 16.17
CA VAL C 159 -4.92 5.09 15.26
C VAL C 159 -6.19 5.35 14.45
N CYS C 160 -7.24 5.86 15.10
CA CYS C 160 -8.45 6.23 14.36
C CYS C 160 -8.08 7.15 13.20
N ILE C 161 -7.39 8.24 13.52
CA ILE C 161 -7.00 9.23 12.56
C ILE C 161 -6.13 8.61 11.47
N LEU C 162 -5.16 7.78 11.89
CA LEU C 162 -4.29 7.12 10.93
C LEU C 162 -5.07 6.14 10.04
N ASN C 163 -6.10 5.52 10.61
CA ASN C 163 -6.96 4.64 9.82
C ASN C 163 -7.69 5.43 8.74
N CYS C 164 -8.24 6.57 9.13
CA CYS C 164 -8.86 7.52 8.21
C CYS C 164 -7.94 7.89 7.03
N CYS C 165 -6.69 8.25 7.33
CA CYS C 165 -5.70 8.58 6.30
C CYS C 165 -5.44 7.39 5.37
N LYS C 166 -5.22 6.21 5.97
CA LYS C 166 -5.01 4.98 5.21
C LYS C 166 -6.12 4.80 4.17
N VAL C 167 -7.37 4.87 4.64
CA VAL C 167 -8.56 4.62 3.80
C VAL C 167 -8.60 5.55 2.59
N ILE C 168 -8.46 6.84 2.86
CA ILE C 168 -8.41 7.87 1.86
C ILE C 168 -7.32 7.55 0.85
N ASN C 169 -6.10 7.27 1.32
CA ASN C 169 -5.05 6.92 0.36
C ASN C 169 -5.33 5.70 -0.48
N ASN C 170 -5.85 4.64 0.12
CA ASN C 170 -6.30 3.46 -0.63
C ASN C 170 -7.30 3.85 -1.72
N LEU C 171 -8.24 4.73 -1.36
CA LEU C 171 -9.24 5.19 -2.34
C LEU C 171 -8.58 6.04 -3.41
N LEU C 172 -7.76 6.99 -2.98
CA LEU C 172 -7.00 7.86 -3.90
C LEU C 172 -6.03 7.05 -4.79
N LEU C 173 -5.37 6.05 -4.21
CA LEU C 173 -4.53 5.16 -5.00
C LEU C 173 -5.34 4.54 -6.14
N ASN C 174 -6.53 4.06 -5.80
CA ASN C 174 -7.47 3.48 -6.78
C ASN C 174 -7.89 4.44 -7.88
N ALA C 175 -8.09 5.71 -7.55
CA ALA C 175 -8.45 6.69 -8.58
C ALA C 175 -7.32 6.88 -9.61
N SER C 176 -6.08 7.00 -9.12
CA SER C 176 -4.90 7.14 -9.98
C SER C 176 -4.73 5.91 -10.87
N ILE C 177 -4.92 4.74 -10.29
CA ILE C 177 -4.79 3.49 -11.04
C ILE C 177 -5.76 3.50 -12.19
N ALA C 178 -7.01 3.83 -11.88
CA ALA C 178 -8.09 3.83 -12.83
C ALA C 178 -7.86 4.84 -13.94
N SER C 179 -7.07 5.87 -13.67
CA SER C 179 -6.86 6.96 -14.64
C SER C 179 -5.44 7.07 -15.19
N ASN C 180 -4.55 6.13 -14.85
CA ASN C 180 -3.16 6.24 -15.27
C ASN C 180 -2.55 7.58 -14.85
N GLU C 181 -2.81 7.97 -13.60
CA GLU C 181 -2.27 9.19 -13.02
C GLU C 181 -1.13 8.80 -12.08
N ASN C 182 -0.35 9.79 -11.67
CA ASN C 182 0.66 9.61 -10.62
C ASN C 182 0.02 9.35 -9.25
N ALA C 183 0.55 8.36 -8.53
CA ALA C 183 0.15 8.10 -7.15
C ALA C 183 0.02 9.41 -6.39
N PRO C 184 -1.12 9.60 -5.68
CA PRO C 184 -1.45 10.84 -4.99
C PRO C 184 -0.41 11.25 -3.95
N GLY C 185 -0.14 12.55 -3.89
CA GLY C 185 0.61 13.18 -2.81
C GLY C 185 -0.33 14.15 -2.15
N ALA C 186 0.24 15.05 -1.34
CA ALA C 186 -0.56 15.98 -0.53
C ALA C 186 -1.52 16.86 -1.32
N ASP C 187 -1.19 17.17 -2.58
CA ASP C 187 -2.09 17.91 -3.48
C ASP C 187 -3.50 17.32 -3.46
N GLU C 188 -3.57 16.00 -3.57
CA GLU C 188 -4.84 15.28 -3.55
C GLU C 188 -5.29 15.09 -2.10
N PHE C 189 -4.38 14.50 -1.30
CA PHE C 189 -4.68 14.05 0.06
C PHE C 189 -5.35 15.09 0.93
N LEU C 190 -4.63 16.15 1.28
CA LEU C 190 -5.11 17.10 2.29
C LEU C 190 -6.46 17.68 1.94
N PRO C 191 -6.62 18.18 0.71
CA PRO C 191 -7.96 18.64 0.32
C PRO C 191 -8.98 17.59 0.67
N VAL C 192 -8.77 16.34 0.27
CA VAL C 192 -9.69 15.25 0.62
C VAL C 192 -9.87 15.14 2.14
N LEU C 193 -8.76 15.10 2.89
CA LEU C 193 -8.83 15.07 4.34
C LEU C 193 -9.66 16.22 4.94
N ILE C 194 -9.41 17.45 4.46
CA ILE C 194 -10.22 18.59 4.86
C ILE C 194 -11.71 18.37 4.61
N TYR C 195 -12.08 17.94 3.39
CA TYR C 195 -13.46 17.61 3.03
C TYR C 195 -14.06 16.50 3.91
N VAL C 196 -13.29 15.42 4.08
CA VAL C 196 -13.71 14.26 4.88
C VAL C 196 -14.05 14.64 6.33
N THR C 197 -13.19 15.46 6.95
CA THR C 197 -13.37 15.91 8.34
C THR C 197 -14.62 16.78 8.53
N ILE C 198 -14.96 17.56 7.51
CA ILE C 198 -16.15 18.42 7.62
C ILE C 198 -17.43 17.57 7.62
N LYS C 199 -17.52 16.62 6.69
CA LYS C 199 -18.65 15.70 6.65
C LYS C 199 -18.70 14.85 7.92
N ALA C 200 -17.55 14.30 8.31
CA ALA C 200 -17.44 13.53 9.54
C ALA C 200 -17.97 14.31 10.73
N ASN C 201 -17.55 15.58 10.82
CA ASN C 201 -17.88 16.47 11.97
C ASN C 201 -17.81 15.78 13.34
N PRO C 202 -16.62 15.32 13.72
CA PRO C 202 -16.49 14.49 14.89
C PRO C 202 -16.45 15.36 16.13
N PRO C 203 -17.44 15.19 17.03
CA PRO C 203 -17.51 15.93 18.30
C PRO C 203 -16.14 16.10 18.95
N GLN C 204 -15.97 17.22 19.64
CA GLN C 204 -14.77 17.51 20.43
C GLN C 204 -13.41 17.44 19.67
N LEU C 205 -13.44 17.61 18.35
CA LEU C 205 -12.21 17.54 17.55
C LEU C 205 -11.10 18.39 18.14
N HIS C 206 -11.37 19.67 18.39
CA HIS C 206 -10.38 20.59 18.93
C HIS C 206 -9.64 19.97 20.11
N SER C 207 -10.41 19.46 21.07
CA SER C 207 -9.87 18.86 22.27
C SER C 207 -9.09 17.57 22.01
N ASN C 208 -9.70 16.63 21.26
CA ASN C 208 -9.03 15.38 20.92
C ASN C 208 -7.60 15.58 20.44
N LEU C 209 -7.43 16.37 19.36
CA LEU C 209 -6.11 16.68 18.85
C LEU C 209 -5.15 17.23 19.93
N LEU C 210 -5.62 18.20 20.72
CA LEU C 210 -4.82 18.76 21.84
C LEU C 210 -4.34 17.69 22.82
N TYR C 211 -5.27 16.83 23.25
CA TYR C 211 -4.99 15.68 24.08
C TYR C 211 -3.86 14.83 23.50
N ILE C 212 -4.02 14.45 22.23
CA ILE C 212 -3.05 13.58 21.57
C ILE C 212 -1.66 14.24 21.55
N GLN C 213 -1.60 15.49 21.12
CA GLN C 213 -0.35 16.25 21.10
C GLN C 213 0.30 16.34 22.50
N ARG C 214 -0.49 16.66 23.50
CA ARG C 214 -0.01 16.79 24.87
C ARG C 214 0.43 15.49 25.55
N TYR C 215 -0.24 14.36 25.23
CA TYR C 215 -0.10 13.13 26.05
C TYR C 215 0.34 11.84 25.36
N ARG C 216 0.53 11.88 24.06
CA ARG C 216 1.09 10.72 23.37
C ARG C 216 2.58 10.63 23.71
N ARG C 217 3.04 9.48 24.22
CA ARG C 217 4.46 9.30 24.52
C ARG C 217 5.29 10.01 23.48
N GLU C 218 5.82 11.19 23.82
CA GLU C 218 6.38 12.15 22.85
C GLU C 218 7.36 11.54 21.86
N SER C 219 8.06 10.50 22.32
CA SER C 219 9.00 9.75 21.51
C SER C 219 8.33 9.10 20.29
N LYS C 220 7.03 8.84 20.41
CA LYS C 220 6.24 8.14 19.38
C LYS C 220 5.49 9.08 18.41
N LEU C 221 5.26 10.31 18.81
CA LEU C 221 4.62 11.30 17.95
C LEU C 221 5.66 11.79 16.95
N VAL C 222 6.12 10.88 16.10
CA VAL C 222 7.29 11.12 15.25
C VAL C 222 7.12 10.38 13.94
N GLY C 223 8.06 10.61 13.03
CA GLY C 223 8.06 9.96 11.72
C GLY C 223 6.73 10.10 10.98
N GLU C 224 6.26 8.96 10.48
CA GLU C 224 4.98 8.87 9.77
C GLU C 224 3.84 9.53 10.58
N ALA C 225 3.69 9.12 11.84
CA ALA C 225 2.68 9.67 12.75
C ALA C 225 2.59 11.19 12.71
N ALA C 226 3.68 11.87 13.10
CA ALA C 226 3.69 13.32 13.22
C ALA C 226 3.28 14.00 11.92
N TYR C 227 3.69 13.45 10.79
CA TYR C 227 3.32 13.99 9.50
C TYR C 227 1.80 14.04 9.33
N PHE C 228 1.17 12.86 9.34
CA PHE C 228 -0.26 12.79 9.14
C PHE C 228 -1.02 13.49 10.24
N PHE C 229 -0.53 13.35 11.47
CA PHE C 229 -1.11 14.06 12.60
C PHE C 229 -1.18 15.58 12.31
N THR C 230 -0.08 16.15 11.77
CA THR C 230 -0.03 17.56 11.40
C THR C 230 -1.03 17.84 10.31
N ASN C 231 -1.21 16.88 9.41
CA ASN C 231 -2.19 17.04 8.34
C ASN C 231 -3.57 17.42 8.87
N ILE C 232 -4.16 16.53 9.67
CA ILE C 232 -5.46 16.79 10.26
C ILE C 232 -5.41 17.99 11.22
N LEU C 233 -4.23 18.24 11.79
CA LEU C 233 -4.01 19.42 12.60
C LEU C 233 -4.09 20.65 11.71
N SER C 234 -3.43 20.58 10.54
CA SER C 234 -3.59 21.62 9.54
C SER C 234 -5.04 21.71 9.08
N ALA C 235 -5.67 20.54 8.87
CA ALA C 235 -7.11 20.47 8.55
C ALA C 235 -7.99 21.27 9.52
N GLU C 236 -7.81 21.11 10.82
CA GLU C 236 -8.62 21.90 11.79
C GLU C 236 -8.55 23.41 11.54
N SER C 237 -7.35 23.96 11.61
CA SER C 237 -7.06 25.37 11.35
C SER C 237 -7.83 25.88 10.14
N PHE C 238 -7.57 25.29 8.98
CA PHE C 238 -8.24 25.71 7.74
C PHE C 238 -9.74 25.79 7.91
N ILE C 239 -10.33 24.66 8.32
CA ILE C 239 -11.77 24.57 8.53
C ILE C 239 -12.23 25.68 9.45
N SER C 240 -11.59 25.79 10.61
CA SER C 240 -11.96 26.76 11.63
C SER C 240 -11.91 28.21 11.13
N ASN C 241 -11.09 28.44 10.11
CA ASN C 241 -10.93 29.78 9.54
C ASN C 241 -11.69 30.03 8.25
N ILE C 242 -12.45 29.04 7.79
CA ILE C 242 -13.22 29.16 6.55
C ILE C 242 -13.94 30.50 6.39
N ASP C 243 -13.68 31.14 5.26
CA ASP C 243 -14.48 32.27 4.78
C ASP C 243 -14.72 32.08 3.28
N ALA C 244 -15.42 33.04 2.67
CA ALA C 244 -15.78 33.00 1.25
C ALA C 244 -14.55 32.86 0.37
N LYS C 245 -13.49 33.58 0.73
CA LYS C 245 -12.24 33.62 -0.02
C LYS C 245 -11.49 32.27 0.01
N SER C 246 -11.45 31.64 1.20
CA SER C 246 -10.73 30.39 1.39
C SER C 246 -11.37 29.20 0.67
N ILE C 247 -12.69 29.16 0.65
CA ILE C 247 -13.44 28.10 -0.05
C ILE C 247 -14.07 28.56 -1.39
N SER C 248 -13.49 29.64 -1.94
CA SER C 248 -13.74 30.13 -3.30
C SER C 248 -15.20 30.45 -3.66
N LEU C 249 -15.76 31.46 -3.00
CA LEU C 249 -17.15 31.86 -3.26
C LEU C 249 -17.37 33.35 -3.00
N ASP C 250 -18.32 33.94 -3.74
CA ASP C 250 -18.77 35.32 -3.50
C ASP C 250 -19.19 35.45 -2.05
N GLU C 251 -18.78 36.54 -1.41
CA GLU C 251 -19.19 36.81 -0.03
C GLU C 251 -20.70 36.63 0.10
N ALA C 252 -21.43 37.13 -0.90
CA ALA C 252 -22.89 36.97 -1.02
C ALA C 252 -23.30 35.48 -1.05
N GLU C 253 -22.71 34.73 -1.98
CA GLU C 253 -22.99 33.32 -2.13
C GLU C 253 -22.66 32.57 -0.84
N PHE C 254 -21.52 32.90 -0.25
CA PHE C 254 -21.08 32.33 1.02
C PHE C 254 -22.03 32.65 2.16
N GLU C 255 -22.57 33.86 2.15
CA GLU C 255 -23.39 34.31 3.25
C GLU C 255 -24.79 33.68 3.24
N LYS C 256 -25.43 33.68 2.09
CA LYS C 256 -26.72 33.03 1.96
C LYS C 256 -26.59 31.63 2.57
N ASN C 257 -25.68 30.85 2.00
CA ASN C 257 -25.44 29.46 2.39
C ASN C 257 -25.34 29.18 3.88
N MET C 258 -24.69 30.09 4.61
CA MET C 258 -24.52 29.93 6.06
C MET C 258 -25.78 30.25 6.84
N GLU C 259 -26.56 31.21 6.35
CA GLU C 259 -27.85 31.50 6.98
C GLU C 259 -28.87 30.44 6.65
N SER C 260 -28.86 30.01 5.40
CA SER C 260 -29.66 28.88 4.93
C SER C 260 -29.48 27.72 5.92
N ALA C 261 -28.22 27.29 6.05
CA ALA C 261 -27.82 26.25 6.99
C ALA C 261 -28.39 26.48 8.39
N ARG C 262 -28.33 27.72 8.85
CA ARG C 262 -28.78 28.09 10.20
C ARG C 262 -30.32 28.07 10.30
N ALA C 263 -30.95 27.28 9.43
CA ALA C 263 -32.39 27.22 9.32
C ALA C 263 -32.86 25.82 8.88
N ARG C 264 -32.09 25.16 8.03
CA ARG C 264 -32.43 23.82 7.52
C ARG C 264 -32.76 22.82 8.64
N SER D 10 22.82 8.29 13.18
CA SER D 10 23.74 9.34 12.64
C SER D 10 23.09 10.74 12.69
N ILE D 11 22.04 10.95 11.88
CA ILE D 11 21.37 12.26 11.73
C ILE D 11 19.86 12.08 11.45
N ASN D 12 19.06 13.10 11.81
CA ASN D 12 17.68 13.21 11.33
C ASN D 12 17.39 14.56 10.64
N ALA D 13 17.02 14.51 9.36
CA ALA D 13 16.68 15.72 8.60
C ALA D 13 15.22 15.76 8.10
N LYS D 14 14.46 16.67 8.67
CA LYS D 14 13.09 16.92 8.22
C LYS D 14 13.11 17.82 6.98
N LEU D 15 12.71 17.26 5.84
CA LEU D 15 12.73 17.96 4.57
C LEU D 15 11.30 18.20 4.09
N VAL D 16 10.98 19.47 3.81
CA VAL D 16 9.68 19.84 3.27
C VAL D 16 9.79 20.12 1.77
N LEU D 17 8.80 19.63 1.02
CA LEU D 17 8.63 20.00 -0.38
C LEU D 17 7.63 21.14 -0.49
N LEU D 18 7.88 22.06 -1.42
CA LEU D 18 7.00 23.20 -1.59
C LEU D 18 6.94 23.63 -3.03
N GLY D 19 5.75 24.02 -3.49
CA GLY D 19 5.54 24.58 -4.83
C GLY D 19 4.25 24.11 -5.43
N ASP D 20 3.51 25.04 -6.05
CA ASP D 20 2.13 24.83 -6.54
C ASP D 20 1.82 23.54 -7.34
N VAL D 21 0.55 23.14 -7.35
CA VAL D 21 0.09 21.99 -8.13
C VAL D 21 0.66 22.03 -9.52
N GLY D 22 1.13 20.89 -10.00
CA GLY D 22 1.72 20.81 -11.33
C GLY D 22 3.20 21.14 -11.33
N ALA D 23 3.72 21.60 -10.18
CA ALA D 23 5.15 21.64 -9.95
C ALA D 23 5.62 20.21 -9.72
N GLY D 24 4.64 19.31 -9.62
CA GLY D 24 4.86 17.86 -9.51
C GLY D 24 6.02 17.48 -8.60
N LYS D 25 6.04 18.07 -7.40
CA LYS D 25 7.05 17.75 -6.39
C LYS D 25 7.05 16.25 -6.08
N SER D 26 5.84 15.72 -5.94
CA SER D 26 5.62 14.30 -5.75
C SER D 26 6.06 13.48 -6.97
N SER D 27 5.60 13.87 -8.16
CA SER D 27 5.98 13.21 -9.42
C SER D 27 7.50 13.16 -9.62
N LEU D 28 8.17 14.24 -9.21
CA LEU D 28 9.62 14.31 -9.18
C LEU D 28 10.18 13.19 -8.32
N VAL D 29 9.86 13.22 -7.03
CA VAL D 29 10.41 12.29 -6.05
C VAL D 29 9.87 10.84 -6.18
N LEU D 30 8.97 10.61 -7.14
CA LEU D 30 8.48 9.25 -7.39
C LEU D 30 9.53 8.34 -8.05
N ARG D 31 10.42 8.92 -8.85
CA ARG D 31 11.49 8.15 -9.51
C ARG D 31 12.74 7.96 -8.62
N PHE D 32 12.98 8.93 -7.73
CA PHE D 32 14.04 8.82 -6.72
C PHE D 32 13.70 7.71 -5.69
N VAL D 33 12.50 7.17 -5.78
CA VAL D 33 12.10 6.03 -4.97
C VAL D 33 11.57 4.87 -5.84
N ALA D 47 1.73 7.98 -1.56
CA ALA D 47 2.55 8.47 -0.42
C ALA D 47 3.04 9.92 -0.50
N ALA D 48 2.58 10.71 0.48
CA ALA D 48 2.97 12.10 0.65
C ALA D 48 4.15 12.19 1.59
N PHE D 49 4.45 11.09 2.27
CA PHE D 49 5.54 11.04 3.23
C PHE D 49 6.54 9.93 2.91
N PHE D 50 7.83 10.23 3.09
CA PHE D 50 8.92 9.28 2.79
C PHE D 50 10.06 9.32 3.79
N SER D 51 10.66 8.15 3.99
CA SER D 51 11.95 8.03 4.67
C SER D 51 12.97 7.74 3.57
N GLN D 52 14.17 8.30 3.73
CA GLN D 52 15.29 7.99 2.83
C GLN D 52 16.67 8.24 3.45
N THR D 53 17.49 7.19 3.49
CA THR D 53 18.86 7.27 4.01
C THR D 53 19.88 7.33 2.88
N LEU D 54 20.67 8.40 2.85
CA LEU D 54 21.64 8.62 1.78
C LEU D 54 23.01 8.99 2.35
N ALA D 55 24.07 8.63 1.62
CA ALA D 55 25.44 8.73 2.14
C ALA D 55 26.43 9.53 1.27
N VAL D 56 27.14 10.47 1.93
CA VAL D 56 28.23 11.26 1.36
C VAL D 56 29.28 11.50 2.46
N ASN D 57 30.56 11.41 2.09
CA ASN D 57 31.67 11.64 3.06
C ASN D 57 31.46 11.00 4.44
N ASP D 58 31.44 9.66 4.44
CA ASP D 58 31.22 8.82 5.63
C ASP D 58 30.07 9.23 6.59
N ALA D 59 29.24 10.20 6.15
CA ALA D 59 28.06 10.62 6.91
C ALA D 59 26.78 9.95 6.37
N THR D 60 25.92 9.51 7.29
CA THR D 60 24.63 8.90 6.94
C THR D 60 23.49 9.79 7.41
N VAL D 61 22.65 10.20 6.47
CA VAL D 61 21.55 11.12 6.75
C VAL D 61 20.21 10.38 6.68
N LYS D 62 19.24 10.82 7.49
CA LYS D 62 17.90 10.26 7.42
C LYS D 62 16.89 11.33 7.00
N PHE D 63 16.60 11.36 5.70
CA PHE D 63 15.65 12.32 5.14
C PHE D 63 14.21 11.93 5.44
N GLU D 64 13.53 12.82 6.15
CA GLU D 64 12.14 12.67 6.52
C GLU D 64 11.43 13.65 5.58
N ILE D 65 10.77 13.13 4.55
CA ILE D 65 10.22 14.01 3.50
C ILE D 65 8.73 14.35 3.70
N TRP D 66 8.47 15.61 4.08
CA TRP D 66 7.14 16.13 4.34
C TRP D 66 6.58 16.93 3.15
N ASP D 67 5.75 16.30 2.33
CA ASP D 67 5.08 16.96 1.21
C ASP D 67 3.98 17.90 1.70
N THR D 68 3.74 18.96 0.94
CA THR D 68 2.65 19.89 1.23
C THR D 68 1.69 20.03 0.06
N ALA D 69 0.62 20.78 0.27
CA ALA D 69 -0.42 20.97 -0.74
C ALA D 69 -0.27 22.33 -1.45
N GLY D 70 0.38 22.30 -2.62
CA GLY D 70 0.76 23.50 -3.38
C GLY D 70 -0.27 24.61 -3.59
N GLN D 71 -1.55 24.26 -3.50
CA GLN D 71 -2.63 25.19 -3.78
C GLN D 71 -2.56 26.47 -2.97
N GLU D 72 -3.15 27.52 -3.53
CA GLU D 72 -3.18 28.86 -2.94
C GLU D 72 -4.02 28.89 -1.65
N ARG D 73 -5.16 28.19 -1.67
CA ARG D 73 -6.09 28.24 -0.54
C ARG D 73 -5.54 27.50 0.67
N TYR D 74 -4.40 26.81 0.50
CA TYR D 74 -3.75 26.12 1.59
C TYR D 74 -2.38 26.73 1.89
N HIS D 75 -2.01 27.74 1.11
CA HIS D 75 -0.74 28.43 1.29
C HIS D 75 -0.43 28.70 2.77
N SER D 76 -1.25 29.50 3.43
CA SER D 76 -1.02 29.89 4.83
C SER D 76 -1.10 28.76 5.86
N LEU D 77 -1.03 27.52 5.39
CA LEU D 77 -0.89 26.36 6.28
C LEU D 77 0.59 25.99 6.36
N ALA D 78 1.30 26.22 5.26
CA ALA D 78 2.67 25.79 5.08
C ALA D 78 3.54 25.92 6.34
N PRO D 79 3.48 27.08 7.04
CA PRO D 79 4.12 27.21 8.34
C PRO D 79 4.05 25.94 9.18
N MET D 80 2.85 25.41 9.35
CA MET D 80 2.62 24.21 10.15
C MET D 80 3.47 23.01 9.72
N TYR D 81 3.90 22.99 8.45
CA TYR D 81 4.62 21.86 7.86
C TYR D 81 6.13 22.02 7.87
N TYR D 82 6.61 23.25 7.86
CA TYR D 82 8.05 23.46 7.96
C TYR D 82 8.49 23.94 9.35
N ARG D 83 7.62 23.71 10.33
CA ARG D 83 7.83 24.13 11.72
C ARG D 83 8.87 23.25 12.44
N GLY D 84 10.12 23.38 12.00
CA GLY D 84 11.23 22.59 12.53
C GLY D 84 11.96 21.88 11.41
N ALA D 85 11.82 22.43 10.21
CA ALA D 85 12.43 21.86 9.02
C ALA D 85 13.93 22.15 8.96
N ALA D 86 14.71 21.14 8.58
CA ALA D 86 16.15 21.26 8.40
C ALA D 86 16.51 21.68 6.97
N ALA D 87 15.68 21.28 6.01
CA ALA D 87 15.91 21.52 4.59
C ALA D 87 14.60 21.74 3.82
N ALA D 88 14.70 22.36 2.65
CA ALA D 88 13.52 22.70 1.85
C ALA D 88 13.75 22.61 0.34
N ILE D 89 12.93 21.81 -0.34
CA ILE D 89 12.92 21.81 -1.80
C ILE D 89 11.76 22.65 -2.35
N ILE D 90 12.09 23.87 -2.76
CA ILE D 90 11.11 24.77 -3.37
C ILE D 90 11.03 24.45 -4.86
N VAL D 91 9.87 23.96 -5.29
CA VAL D 91 9.66 23.49 -6.66
C VAL D 91 8.77 24.48 -7.44
N PHE D 92 8.99 24.56 -8.75
CA PHE D 92 8.08 25.27 -9.66
C PHE D 92 8.12 24.69 -11.08
N ASP D 93 7.21 25.19 -11.93
CA ASP D 93 7.21 24.82 -13.35
C ASP D 93 7.72 25.97 -14.22
N VAL D 94 8.92 25.80 -14.77
CA VAL D 94 9.59 26.80 -15.64
C VAL D 94 8.73 27.29 -16.83
N THR D 95 8.04 26.34 -17.46
CA THR D 95 7.14 26.59 -18.59
C THR D 95 5.91 27.37 -18.15
N ASN D 96 5.47 27.14 -16.90
CA ASN D 96 4.35 27.85 -16.31
C ASN D 96 4.86 29.06 -15.52
N GLN D 97 5.55 29.96 -16.22
CA GLN D 97 6.29 31.09 -15.62
C GLN D 97 5.80 31.54 -14.25
N ALA D 98 4.48 31.76 -14.13
CA ALA D 98 3.84 32.21 -12.90
C ALA D 98 4.42 31.50 -11.67
N SER D 99 4.66 30.19 -11.79
CA SER D 99 5.16 29.38 -10.68
C SER D 99 6.57 29.75 -10.19
N PHE D 100 7.40 30.29 -11.08
CA PHE D 100 8.74 30.76 -10.69
C PHE D 100 8.62 31.88 -9.66
N GLU D 101 7.79 32.86 -9.96
CA GLU D 101 7.51 33.96 -9.04
C GLU D 101 6.96 33.41 -7.73
N ARG D 102 6.20 32.32 -7.84
CA ARG D 102 5.63 31.62 -6.69
C ARG D 102 6.72 30.93 -5.87
N ALA D 103 7.73 30.41 -6.56
CA ALA D 103 8.87 29.79 -5.90
C ALA D 103 9.68 30.83 -5.12
N LYS D 104 9.84 32.02 -5.68
CA LYS D 104 10.45 33.14 -4.96
C LYS D 104 9.70 33.37 -3.67
N LYS D 105 8.40 33.65 -3.78
CA LYS D 105 7.51 33.89 -2.64
C LYS D 105 7.76 32.88 -1.54
N TRP D 106 8.02 31.63 -1.92
CA TRP D 106 8.34 30.57 -0.97
C TRP D 106 9.65 30.84 -0.23
N VAL D 107 10.74 30.92 -0.99
CA VAL D 107 12.08 31.10 -0.44
C VAL D 107 12.07 32.30 0.51
N GLN D 108 11.49 33.40 0.04
CA GLN D 108 11.33 34.60 0.84
C GLN D 108 10.60 34.30 2.15
N GLU D 109 9.40 33.72 2.05
CA GLU D 109 8.60 33.41 3.23
C GLU D 109 9.40 32.57 4.23
N LEU D 110 10.12 31.58 3.71
CA LEU D 110 11.01 30.75 4.53
C LEU D 110 12.06 31.57 5.25
N GLN D 111 12.69 32.49 4.52
CA GLN D 111 13.73 33.38 5.06
C GLN D 111 13.20 34.24 6.21
N ALA D 112 11.96 34.70 6.10
CA ALA D 112 11.35 35.45 7.19
C ALA D 112 10.88 34.54 8.32
N GLN D 113 10.31 33.39 7.97
CA GLN D 113 9.65 32.52 8.96
C GLN D 113 10.59 31.58 9.72
N GLY D 114 10.91 30.44 9.07
CA GLY D 114 11.56 29.29 9.72
C GLY D 114 12.99 29.50 10.18
N ASN D 115 13.58 28.44 10.73
CA ASN D 115 14.93 28.50 11.28
C ASN D 115 15.99 28.79 10.21
N PRO D 116 16.91 29.74 10.50
CA PRO D 116 17.96 30.15 9.58
C PRO D 116 19.06 29.09 9.39
N ASN D 117 18.74 27.85 9.74
CA ASN D 117 19.66 26.73 9.54
C ASN D 117 19.22 25.90 8.35
N MET D 118 18.24 26.41 7.61
CA MET D 118 17.59 25.67 6.54
C MET D 118 18.35 25.69 5.22
N VAL D 119 18.76 24.50 4.78
CA VAL D 119 19.36 24.34 3.46
C VAL D 119 18.22 24.33 2.43
N MET D 120 18.24 25.30 1.51
CA MET D 120 17.16 25.44 0.53
C MET D 120 17.55 24.96 -0.87
N ALA D 121 16.86 23.93 -1.34
CA ALA D 121 17.09 23.37 -2.66
C ALA D 121 15.97 23.76 -3.60
N LEU D 122 16.33 24.16 -4.81
CA LEU D 122 15.37 24.64 -5.79
C LEU D 122 15.31 23.75 -7.02
N ALA D 123 14.29 22.91 -7.06
CA ALA D 123 13.91 22.20 -8.26
C ALA D 123 13.12 23.16 -9.14
N GLY D 124 13.62 23.40 -10.35
CA GLY D 124 12.90 24.21 -11.34
C GLY D 124 12.31 23.27 -12.38
N ASN D 125 11.33 22.49 -11.96
CA ASN D 125 10.95 21.28 -12.67
C ASN D 125 10.58 21.44 -14.14
N LYS D 126 10.86 20.38 -14.89
CA LYS D 126 10.49 20.22 -16.31
C LYS D 126 11.48 20.84 -17.31
N SER D 127 12.68 20.26 -17.34
CA SER D 127 13.62 20.47 -18.44
C SER D 127 13.61 19.24 -19.34
N ASP D 128 12.48 18.52 -19.33
CA ASP D 128 12.23 17.35 -20.17
C ASP D 128 11.66 17.76 -21.53
N LEU D 129 10.67 18.64 -21.51
CA LEU D 129 10.18 19.29 -22.73
C LEU D 129 11.12 20.45 -23.09
N LEU D 130 11.95 20.20 -24.10
CA LEU D 130 13.07 21.09 -24.44
C LEU D 130 12.69 22.30 -25.32
N ASP D 131 11.39 22.43 -25.65
CA ASP D 131 10.88 23.53 -26.51
C ASP D 131 9.88 24.47 -25.82
N ALA D 132 8.97 23.90 -25.04
CA ALA D 132 7.93 24.68 -24.34
C ALA D 132 8.50 25.49 -23.16
N ARG D 133 9.80 25.33 -22.92
CA ARG D 133 10.52 26.05 -21.85
C ARG D 133 10.46 27.58 -22.02
N LYS D 134 10.44 28.28 -20.88
CA LYS D 134 10.36 29.74 -20.84
C LYS D 134 11.50 30.35 -20.04
N VAL D 135 11.71 29.85 -18.81
CA VAL D 135 12.80 30.32 -17.94
C VAL D 135 14.11 29.66 -18.35
N THR D 136 15.16 30.49 -18.50
CA THR D 136 16.44 30.05 -19.07
C THR D 136 17.42 29.47 -18.04
N ALA D 137 18.56 28.98 -18.54
CA ALA D 137 19.65 28.43 -17.73
C ALA D 137 20.20 29.47 -16.75
N GLU D 138 20.54 30.64 -17.29
CA GLU D 138 21.00 31.78 -16.50
C GLU D 138 19.91 32.28 -15.53
N ASP D 139 18.70 32.44 -16.05
CA ASP D 139 17.58 33.07 -15.35
C ASP D 139 17.44 32.59 -13.90
N ALA D 140 17.08 31.32 -13.75
CA ALA D 140 16.85 30.73 -12.43
C ALA D 140 18.13 30.61 -11.60
N GLN D 141 19.26 30.36 -12.26
CA GLN D 141 20.51 30.12 -11.56
C GLN D 141 21.02 31.36 -10.79
N THR D 142 21.01 32.50 -11.45
CA THR D 142 21.49 33.74 -10.82
C THR D 142 20.65 34.04 -9.58
N TYR D 143 19.33 34.10 -9.73
CA TYR D 143 18.43 34.38 -8.61
C TYR D 143 18.56 33.37 -7.47
N ALA D 144 18.73 32.10 -7.81
CA ALA D 144 19.03 31.06 -6.83
C ALA D 144 20.26 31.48 -6.03
N GLN D 145 21.36 31.67 -6.77
CA GLN D 145 22.62 32.13 -6.19
C GLN D 145 22.46 33.43 -5.41
N GLU D 146 21.72 34.37 -6.00
CA GLU D 146 21.43 35.67 -5.39
C GLU D 146 20.86 35.53 -3.98
N ASN D 147 19.84 34.71 -3.83
CA ASN D 147 19.11 34.59 -2.56
C ASN D 147 19.55 33.40 -1.69
N GLY D 148 20.84 33.10 -1.73
CA GLY D 148 21.46 32.14 -0.81
C GLY D 148 20.89 30.75 -0.89
N LEU D 149 20.96 30.14 -2.07
CA LEU D 149 20.56 28.77 -2.27
C LEU D 149 21.08 28.27 -3.61
N PHE D 150 21.15 26.95 -3.75
CA PHE D 150 21.58 26.40 -5.02
C PHE D 150 20.39 25.98 -5.86
N PHE D 151 20.68 25.70 -7.13
CA PHE D 151 19.67 25.34 -8.10
C PHE D 151 20.11 24.07 -8.79
N MET D 152 19.14 23.29 -9.24
CA MET D 152 19.41 22.22 -10.19
C MET D 152 18.37 22.18 -11.28
N GLU D 153 18.85 22.04 -12.52
CA GLU D 153 18.01 21.95 -13.70
C GLU D 153 17.29 20.59 -13.68
N THR D 154 16.41 20.44 -12.67
CA THR D 154 15.78 19.16 -12.36
C THR D 154 14.89 18.63 -13.46
N SER D 155 15.26 17.46 -13.97
CA SER D 155 14.54 16.80 -15.04
C SER D 155 13.55 15.80 -14.44
N ALA D 156 12.29 15.93 -14.84
CA ALA D 156 11.21 15.08 -14.34
C ALA D 156 11.30 13.65 -14.87
N LYS D 157 10.75 13.41 -16.05
CA LYS D 157 10.56 12.07 -16.60
C LYS D 157 11.83 11.36 -17.11
N THR D 158 13.00 11.80 -16.64
CA THR D 158 14.29 11.17 -17.02
C THR D 158 15.27 10.92 -15.86
N ALA D 159 14.84 11.23 -14.63
CA ALA D 159 15.63 10.98 -13.40
C ALA D 159 16.96 11.73 -13.32
N THR D 160 17.27 12.48 -14.38
CA THR D 160 18.45 13.34 -14.43
C THR D 160 18.31 14.43 -13.35
N ASN D 161 19.43 14.76 -12.70
CA ASN D 161 19.47 15.83 -11.68
C ASN D 161 18.63 15.60 -10.42
N VAL D 162 17.81 14.55 -10.43
CA VAL D 162 16.98 14.20 -9.28
C VAL D 162 17.86 13.63 -8.15
N LYS D 163 18.78 12.73 -8.51
CA LYS D 163 19.69 12.09 -7.54
C LYS D 163 20.56 13.11 -6.80
N GLU D 164 21.14 14.04 -7.55
CA GLU D 164 22.13 14.98 -7.03
C GLU D 164 21.55 15.91 -5.95
N ILE D 165 20.33 16.38 -6.18
CA ILE D 165 19.68 17.35 -5.29
C ILE D 165 19.77 16.94 -3.81
N PHE D 166 19.30 15.74 -3.48
CA PHE D 166 19.35 15.23 -2.12
C PHE D 166 20.78 15.05 -1.67
N TYR D 167 21.55 14.32 -2.45
CA TYR D 167 22.98 14.13 -2.18
C TYR D 167 23.63 15.45 -1.83
N GLU D 168 23.46 16.45 -2.68
CA GLU D 168 24.02 17.78 -2.47
C GLU D 168 23.48 18.42 -1.18
N ILE D 169 22.16 18.39 -1.00
CA ILE D 169 21.54 18.91 0.22
C ILE D 169 22.20 18.32 1.46
N ALA D 170 22.52 17.03 1.39
CA ALA D 170 23.23 16.33 2.47
C ALA D 170 24.55 17.01 2.85
N ARG D 171 25.29 17.46 1.84
CA ARG D 171 26.57 18.15 2.03
C ARG D 171 26.42 19.37 2.95
N ARG D 172 25.41 20.19 2.68
CA ARG D 172 25.34 21.57 3.20
C ARG D 172 24.67 21.77 4.57
N LEU D 173 24.41 20.67 5.27
CA LEU D 173 23.63 20.72 6.51
C LEU D 173 24.42 21.13 7.76
N PRO D 174 23.87 22.09 8.54
CA PRO D 174 24.41 22.40 9.88
C PRO D 174 24.14 21.29 10.89
#